data_9GSJ
#
_entry.id   9GSJ
#
_cell.length_a   1.00
_cell.length_b   1.00
_cell.length_c   1.00
_cell.angle_alpha   90.00
_cell.angle_beta   90.00
_cell.angle_gamma   90.00
#
_symmetry.space_group_name_H-M   'P 1'
#
loop_
_entity.id
_entity.type
_entity.pdbx_description
1 polymer 'Multidrug resistance ABC transporter ATP-binding/permease protein BmrA'
2 non-polymer "2'-(4-ETHOXYPHENYL)-5-(4-METHYL-1-PIPERAZINYL)-2,5'-BI-BENZIMIDAZOLE"
#
_entity_poly.entity_id   1
_entity_poly.type   'polypeptide(L)'
_entity_poly.pdbx_seq_one_letter_code
;MSSSHHHHHHMPTKKQKSKSKLKPFFALVRRTNPSYGKLAFALALSVVTTLVSLLIPLLTKQLVDGFSMSNLSGTQIGLI
ALVFFVQAGLSAYATYALNYNGQKIISGLRELLWKKLIKLPVSYFDTNASGETVSRVTNDTMVVKELITTHISGFITGII
SVIGSLTILFIMNWKLTLLVLVVVPLAALILVPIGRKMFSISRETQDETARFTGLLNQILPEIRLVKASNAEDVEYGRGK
MGISSLFKLGVREAKVQSLVGPLISLVLMAALVAVIGYGGMQVSSGELTAGALVAFILYLFQIIMPMGQITTFFTQLQKS
IGATERMIEILAEEEEDTVTGKQIENAHLPIQLDRVSFGYKPDQLILKEVSAVIEAGKVTAIVGPSGGGKTTLFKLLERF
YSPTAGTIRLGDEPVDTYSLESWREHIGYVSQESPLMSGTIRENICYGLERDVTDAEIEKAAEMAYALNFIKELPNQFDT
EVGERGIMLSGGQRQRIAIARALLRNPSILMLDAATSSLDSQSEKSVQQALEVLMEGRTTIVIAHRLSTVVDADQLLFVE
KGEITGRGTHHELMASHGLYRDFAEQQLKMNADLENKAG
;
_entity_poly.pdbx_strand_id   A,B
#
# COMPACT_ATOMS: atom_id res chain seq x y z
N SER A 20 11.91 6.36 35.12
CA SER A 20 11.66 7.79 34.93
C SER A 20 10.94 8.05 33.61
N LYS A 21 11.07 7.09 32.68
CA LYS A 21 10.43 7.24 31.38
C LYS A 21 8.93 6.98 31.43
N LEU A 22 8.44 6.36 32.51
CA LEU A 22 7.01 6.09 32.64
C LEU A 22 6.23 7.26 33.22
N LYS A 23 6.91 8.28 33.73
CA LYS A 23 6.20 9.45 34.26
C LYS A 23 5.34 10.16 33.21
N PRO A 24 5.82 10.41 31.98
CA PRO A 24 4.90 10.99 30.98
C PRO A 24 3.69 10.12 30.70
N PHE A 25 3.86 8.80 30.66
CA PHE A 25 2.71 7.91 30.44
C PHE A 25 1.72 8.01 31.59
N PHE A 26 2.21 8.01 32.83
CA PHE A 26 1.32 8.13 33.97
C PHE A 26 0.58 9.46 33.95
N ALA A 27 1.29 10.55 33.62
CA ALA A 27 0.63 11.86 33.56
C ALA A 27 -0.43 11.88 32.47
N LEU A 28 -0.13 11.33 31.29
CA LEU A 28 -1.09 11.32 30.20
C LEU A 28 -2.33 10.51 30.56
N VAL A 29 -2.14 9.35 31.21
CA VAL A 29 -3.29 8.56 31.65
C VAL A 29 -4.06 9.32 32.72
N ARG A 30 -3.36 10.05 33.59
CA ARG A 30 -4.02 10.87 34.60
C ARG A 30 -4.89 11.95 33.97
N ARG A 31 -4.47 12.48 32.82
CA ARG A 31 -5.27 13.49 32.13
C ARG A 31 -6.67 12.98 31.81
N THR A 32 -6.83 11.67 31.69
CA THR A 32 -8.13 11.07 31.39
C THR A 32 -9.01 10.91 32.62
N ASN A 33 -8.47 11.17 33.82
CA ASN A 33 -9.16 10.93 35.09
C ASN A 33 -9.63 9.48 35.17
N PRO A 34 -8.70 8.52 35.22
CA PRO A 34 -9.11 7.11 35.24
C PRO A 34 -9.74 6.72 36.57
N SER A 35 -10.57 5.68 36.51
CA SER A 35 -11.10 5.04 37.71
C SER A 35 -10.03 4.08 38.21
N TYR A 36 -9.12 4.62 39.03
CA TYR A 36 -7.95 3.86 39.47
C TYR A 36 -8.37 2.61 40.26
N GLY A 37 -9.41 2.74 41.09
CA GLY A 37 -9.83 1.61 41.90
C GLY A 37 -10.26 0.42 41.08
N LYS A 38 -11.06 0.66 40.04
CA LYS A 38 -11.54 -0.43 39.21
C LYS A 38 -10.40 -1.10 38.45
N LEU A 39 -9.46 -0.30 37.92
CA LEU A 39 -8.32 -0.87 37.21
C LEU A 39 -7.46 -1.72 38.14
N ALA A 40 -7.19 -1.22 39.34
CA ALA A 40 -6.39 -1.97 40.29
C ALA A 40 -7.11 -3.26 40.70
N PHE A 41 -8.42 -3.18 40.91
CA PHE A 41 -9.19 -4.37 41.26
C PHE A 41 -9.15 -5.40 40.13
N ALA A 42 -9.25 -4.94 38.88
CA ALA A 42 -9.17 -5.87 37.76
C ALA A 42 -7.81 -6.55 37.68
N LEU A 43 -6.74 -5.78 37.89
CA LEU A 43 -5.40 -6.36 37.86
C LEU A 43 -5.23 -7.39 38.98
N ALA A 44 -5.69 -7.06 40.20
CA ALA A 44 -5.60 -8.00 41.30
C ALA A 44 -6.42 -9.26 41.03
N LEU A 45 -7.58 -9.10 40.41
CA LEU A 45 -8.40 -10.26 40.09
C LEU A 45 -7.73 -11.14 39.04
N SER A 46 -7.03 -10.52 38.08
CA SER A 46 -6.24 -11.30 37.14
C SER A 46 -5.14 -12.08 37.85
N VAL A 47 -4.49 -11.46 38.83
CA VAL A 47 -3.47 -12.16 39.61
C VAL A 47 -4.08 -13.35 40.34
N VAL A 48 -5.28 -13.16 40.90
CA VAL A 48 -5.95 -14.25 41.61
C VAL A 48 -6.28 -15.39 40.65
N THR A 49 -6.75 -15.05 39.45
CA THR A 49 -7.04 -16.08 38.45
C THR A 49 -5.79 -16.86 38.08
N THR A 50 -4.67 -16.15 37.92
CA THR A 50 -3.41 -16.83 37.63
C THR A 50 -3.03 -17.77 38.77
N LEU A 51 -3.21 -17.33 40.01
CA LEU A 51 -2.92 -18.20 41.15
C LEU A 51 -3.80 -19.44 41.18
N VAL A 52 -5.06 -19.33 40.77
CA VAL A 52 -5.94 -20.50 40.73
C VAL A 52 -5.52 -21.45 39.61
N SER A 53 -5.15 -20.90 38.46
CA SER A 53 -4.60 -21.74 37.39
C SER A 53 -3.30 -22.41 37.82
N LEU A 54 -2.57 -21.81 38.75
CA LEU A 54 -1.42 -22.45 39.36
C LEU A 54 -1.81 -23.58 40.31
N LEU A 55 -3.07 -23.65 40.71
CA LEU A 55 -3.55 -24.68 41.63
C LEU A 55 -4.18 -25.87 40.92
N ILE A 56 -4.75 -25.65 39.74
CA ILE A 56 -5.42 -26.75 39.02
C ILE A 56 -4.53 -27.99 38.86
N PRO A 57 -3.28 -27.89 38.40
CA PRO A 57 -2.48 -29.11 38.24
C PRO A 57 -2.25 -29.88 39.54
N LEU A 58 -2.19 -29.19 40.68
CA LEU A 58 -2.05 -29.90 41.94
C LEU A 58 -3.27 -30.78 42.22
N LEU A 59 -4.47 -30.26 41.93
CA LEU A 59 -5.67 -31.06 42.07
C LEU A 59 -5.64 -32.25 41.11
N THR A 60 -5.15 -32.04 39.89
CA THR A 60 -5.03 -33.16 38.95
C THR A 60 -4.08 -34.22 39.51
N LYS A 61 -2.96 -33.80 40.09
CA LYS A 61 -2.03 -34.75 40.68
C LYS A 61 -2.67 -35.51 41.84
N GLN A 62 -3.45 -34.81 42.67
CA GLN A 62 -4.14 -35.47 43.76
C GLN A 62 -5.11 -36.52 43.24
N LEU A 63 -5.83 -36.20 42.17
CA LEU A 63 -6.75 -37.18 41.57
C LEU A 63 -5.98 -38.39 41.05
N VAL A 64 -4.86 -38.17 40.38
CA VAL A 64 -4.08 -39.27 39.82
C VAL A 64 -3.57 -40.17 40.95
N ASP A 65 -3.07 -39.57 42.04
CA ASP A 65 -2.59 -40.38 43.15
C ASP A 65 -3.73 -41.07 43.90
N GLY A 66 -4.91 -40.46 43.94
CA GLY A 66 -6.05 -40.99 44.64
C GLY A 66 -6.93 -41.92 43.86
N PHE A 67 -6.59 -42.21 42.61
CA PHE A 67 -7.30 -43.25 41.85
C PHE A 67 -7.32 -44.61 42.56
N SER A 68 -6.57 -44.75 43.66
CA SER A 68 -6.56 -46.02 44.38
C SER A 68 -7.95 -46.43 44.82
N MET A 69 -8.86 -45.47 44.99
CA MET A 69 -10.27 -45.76 45.21
C MET A 69 -11.10 -44.82 44.33
N SER A 70 -12.31 -45.26 44.00
CA SER A 70 -13.08 -44.63 42.92
C SER A 70 -13.93 -43.45 43.36
N ASN A 71 -14.43 -43.44 44.60
CA ASN A 71 -15.34 -42.38 45.02
C ASN A 71 -14.60 -41.04 45.15
N LEU A 72 -13.42 -41.07 45.77
CA LEU A 72 -12.61 -39.86 45.85
C LEU A 72 -12.23 -39.37 44.46
N SER A 73 -12.15 -40.27 43.48
CA SER A 73 -11.92 -39.85 42.10
C SER A 73 -13.06 -38.95 41.61
N GLY A 74 -14.30 -39.37 41.86
CA GLY A 74 -15.43 -38.54 41.47
C GLY A 74 -15.48 -37.22 42.22
N THR A 75 -15.18 -37.25 43.53
CA THR A 75 -15.15 -36.02 44.29
C THR A 75 -14.10 -35.06 43.77
N GLN A 76 -12.91 -35.58 43.43
CA GLN A 76 -11.85 -34.74 42.90
C GLN A 76 -12.20 -34.22 41.51
N ILE A 77 -12.88 -35.02 40.70
CA ILE A 77 -13.33 -34.52 39.39
C ILE A 77 -14.30 -33.37 39.56
N GLY A 78 -15.24 -33.50 40.50
CA GLY A 78 -16.15 -32.40 40.78
C GLY A 78 -15.43 -31.16 41.27
N LEU A 79 -14.44 -31.33 42.14
CA LEU A 79 -13.68 -30.19 42.65
C LEU A 79 -12.89 -29.52 41.52
N ILE A 80 -12.31 -30.32 40.63
CA ILE A 80 -11.55 -29.78 39.50
C ILE A 80 -12.48 -28.99 38.58
N ALA A 81 -13.67 -29.53 38.31
CA ALA A 81 -14.62 -28.80 37.48
C ALA A 81 -15.04 -27.49 38.12
N LEU A 82 -15.28 -27.50 39.43
CA LEU A 82 -15.64 -26.28 40.13
C LEU A 82 -14.53 -25.25 40.06
N VAL A 83 -13.29 -25.68 40.25
CA VAL A 83 -12.16 -24.75 40.18
C VAL A 83 -12.01 -24.20 38.76
N PHE A 84 -12.22 -25.05 37.74
CA PHE A 84 -12.16 -24.58 36.37
C PHE A 84 -13.21 -23.51 36.10
N PHE A 85 -14.44 -23.74 36.56
CA PHE A 85 -15.50 -22.76 36.33
C PHE A 85 -15.23 -21.47 37.08
N VAL A 86 -14.74 -21.56 38.31
CA VAL A 86 -14.42 -20.37 39.09
C VAL A 86 -13.32 -19.56 38.39
N GLN A 87 -12.28 -20.25 37.92
CA GLN A 87 -11.21 -19.57 37.20
C GLN A 87 -11.73 -18.90 35.94
N ALA A 88 -12.59 -19.60 35.20
CA ALA A 88 -13.13 -19.02 33.97
C ALA A 88 -13.94 -17.77 34.26
N GLY A 89 -14.80 -17.82 35.27
CA GLY A 89 -15.61 -16.66 35.60
C GLY A 89 -14.77 -15.49 36.08
N LEU A 90 -13.81 -15.76 36.95
CA LEU A 90 -12.96 -14.69 37.46
C LEU A 90 -12.16 -14.04 36.34
N SER A 91 -11.60 -14.86 35.44
CA SER A 91 -10.86 -14.32 34.30
C SER A 91 -11.76 -13.51 33.39
N ALA A 92 -13.00 -13.98 33.18
CA ALA A 92 -13.93 -13.24 32.34
C ALA A 92 -14.23 -11.87 32.92
N TYR A 93 -14.49 -11.80 34.21
CA TYR A 93 -14.79 -10.50 34.81
C TYR A 93 -13.57 -9.59 34.80
N ALA A 94 -12.38 -10.15 35.07
CA ALA A 94 -11.18 -9.32 35.04
C ALA A 94 -10.93 -8.78 33.64
N THR A 95 -11.10 -9.61 32.62
CA THR A 95 -10.90 -9.15 31.25
C THR A 95 -11.92 -8.10 30.87
N TYR A 96 -13.18 -8.27 31.27
CA TYR A 96 -14.19 -7.26 30.97
C TYR A 96 -13.86 -5.93 31.62
N ALA A 97 -13.48 -5.95 32.90
CA ALA A 97 -13.14 -4.71 33.57
C ALA A 97 -11.94 -4.05 32.92
N LEU A 98 -10.91 -4.83 32.59
CA LEU A 98 -9.73 -4.27 31.95
C LEU A 98 -10.08 -3.63 30.60
N ASN A 99 -10.84 -4.34 29.77
CA ASN A 99 -11.16 -3.83 28.45
C ASN A 99 -12.06 -2.61 28.53
N TYR A 100 -13.06 -2.63 29.42
CA TYR A 100 -13.94 -1.47 29.54
C TYR A 100 -13.18 -0.24 30.03
N ASN A 101 -12.29 -0.42 31.01
CA ASN A 101 -11.50 0.72 31.47
C ASN A 101 -10.55 1.20 30.38
N GLY A 102 -9.99 0.27 29.60
CA GLY A 102 -9.14 0.68 28.49
C GLY A 102 -9.89 1.48 27.45
N GLN A 103 -11.11 1.06 27.12
CA GLN A 103 -11.91 1.79 26.15
C GLN A 103 -12.30 3.16 26.68
N LYS A 104 -12.61 3.27 27.98
CA LYS A 104 -12.92 4.57 28.55
C LYS A 104 -11.69 5.49 28.51
N ILE A 105 -10.52 4.96 28.84
CA ILE A 105 -9.30 5.77 28.79
C ILE A 105 -9.02 6.22 27.37
N ILE A 106 -9.22 5.33 26.39
CA ILE A 106 -8.99 5.68 25.00
C ILE A 106 -9.99 6.73 24.53
N SER A 107 -11.25 6.63 24.97
CA SER A 107 -12.24 7.63 24.60
C SER A 107 -11.87 8.99 25.17
N GLY A 108 -11.43 9.03 26.42
CA GLY A 108 -10.99 10.30 26.99
C GLY A 108 -9.77 10.88 26.27
N LEU A 109 -8.80 10.01 25.96
CA LEU A 109 -7.61 10.47 25.24
C LEU A 109 -7.97 11.01 23.87
N ARG A 110 -8.87 10.32 23.15
CA ARG A 110 -9.28 10.79 21.83
C ARG A 110 -10.04 12.10 21.94
N GLU A 111 -10.89 12.25 22.96
CA GLU A 111 -11.58 13.51 23.16
C GLU A 111 -10.58 14.65 23.35
N LEU A 112 -9.59 14.45 24.22
CA LEU A 112 -8.60 15.49 24.46
C LEU A 112 -7.80 15.80 23.20
N LEU A 113 -7.37 14.76 22.49
CA LEU A 113 -6.57 14.96 21.29
C LEU A 113 -7.36 15.70 20.21
N TRP A 114 -8.63 15.33 20.02
CA TRP A 114 -9.42 15.97 18.98
C TRP A 114 -9.77 17.40 19.35
N LYS A 115 -9.99 17.67 20.65
CA LYS A 115 -10.18 19.05 21.06
C LYS A 115 -8.92 19.88 20.82
N LYS A 116 -7.74 19.29 21.06
CA LYS A 116 -6.50 20.04 20.85
C LYS A 116 -6.25 20.27 19.36
N LEU A 117 -6.49 19.25 18.52
CA LEU A 117 -6.17 19.36 17.10
C LEU A 117 -7.03 20.42 16.42
N ILE A 118 -8.33 20.42 16.70
CA ILE A 118 -9.23 21.36 16.03
C ILE A 118 -8.92 22.80 16.40
N LYS A 119 -8.59 23.08 17.64
CA LYS A 119 -8.26 24.43 18.07
C LYS A 119 -6.84 24.85 17.71
N LEU A 120 -6.02 23.92 17.23
CA LEU A 120 -4.63 24.24 16.94
C LEU A 120 -4.55 25.21 15.76
N PRO A 121 -3.59 26.14 15.76
CA PRO A 121 -3.54 27.13 14.68
C PRO A 121 -3.24 26.49 13.33
N VAL A 122 -3.74 27.13 12.28
CA VAL A 122 -3.61 26.58 10.93
C VAL A 122 -2.15 26.48 10.49
N SER A 123 -1.26 27.24 11.13
CA SER A 123 0.16 27.17 10.79
C SER A 123 0.71 25.77 11.04
N TYR A 124 0.30 25.13 12.13
CA TYR A 124 0.78 23.79 12.44
C TYR A 124 0.40 22.81 11.34
N PHE A 125 -0.85 22.88 10.86
CA PHE A 125 -1.27 21.95 9.81
C PHE A 125 -0.51 22.17 8.52
N ASP A 126 -0.32 23.44 8.13
CA ASP A 126 0.38 23.72 6.88
C ASP A 126 1.84 23.31 6.94
N THR A 127 2.51 23.59 8.07
CA THR A 127 3.96 23.42 8.14
C THR A 127 4.40 22.05 8.64
N ASN A 128 3.50 21.21 9.14
CA ASN A 128 3.90 19.91 9.67
C ASN A 128 3.36 18.74 8.87
N ALA A 129 2.04 18.61 8.75
CA ALA A 129 1.41 17.47 8.09
C ALA A 129 -0.09 17.66 8.11
N SER A 130 -0.79 16.86 7.30
CA SER A 130 -2.25 16.82 7.28
C SER A 130 -2.79 15.46 7.66
N GLY A 131 -2.34 14.40 6.98
CA GLY A 131 -2.83 13.06 7.30
C GLY A 131 -1.99 12.34 8.32
N GLU A 132 -0.71 12.72 8.45
CA GLU A 132 0.15 12.08 9.43
C GLU A 132 -0.33 12.37 10.84
N THR A 133 -0.92 13.55 11.07
CA THR A 133 -1.45 13.87 12.39
C THR A 133 -2.59 12.92 12.77
N VAL A 134 -3.55 12.72 11.87
CA VAL A 134 -4.66 11.81 12.15
C VAL A 134 -4.14 10.39 12.30
N SER A 135 -3.22 9.99 11.44
CA SER A 135 -2.61 8.66 11.53
C SER A 135 -2.03 8.47 12.93
N ARG A 136 -1.04 9.29 13.28
CA ARG A 136 -0.42 9.26 14.59
C ARG A 136 -1.44 9.20 15.72
N VAL A 137 -2.47 10.03 15.66
CA VAL A 137 -3.47 10.05 16.73
C VAL A 137 -4.13 8.68 16.87
N THR A 138 -4.65 8.15 15.76
CA THR A 138 -5.39 6.88 15.84
C THR A 138 -4.47 5.72 16.20
N ASN A 139 -3.31 5.64 15.54
CA ASN A 139 -2.39 4.54 15.77
C ASN A 139 -1.87 4.55 17.20
N ASP A 140 -1.53 5.73 17.73
CA ASP A 140 -0.99 5.81 19.07
C ASP A 140 -2.05 5.57 20.13
N THR A 141 -3.30 6.01 19.88
CA THR A 141 -4.38 5.65 20.80
C THR A 141 -4.58 4.14 20.83
N MET A 142 -4.54 3.49 19.66
CA MET A 142 -4.67 2.03 19.63
C MET A 142 -3.50 1.35 20.35
N VAL A 143 -2.28 1.88 20.19
CA VAL A 143 -1.13 1.28 20.84
C VAL A 143 -1.23 1.43 22.36
N VAL A 144 -1.66 2.61 22.84
CA VAL A 144 -1.83 2.81 24.27
C VAL A 144 -2.94 1.91 24.81
N LYS A 145 -4.00 1.70 24.02
CA LYS A 145 -5.03 0.75 24.42
C LYS A 145 -4.47 -0.65 24.55
N GLU A 146 -3.64 -1.07 23.58
CA GLU A 146 -3.06 -2.40 23.64
C GLU A 146 -2.13 -2.53 24.84
N LEU A 147 -1.44 -1.46 25.21
CA LEU A 147 -0.55 -1.52 26.37
C LEU A 147 -1.34 -1.57 27.67
N ILE A 148 -2.48 -0.88 27.73
CA ILE A 148 -3.22 -0.78 28.99
C ILE A 148 -4.09 -2.01 29.21
N THR A 149 -4.88 -2.39 28.21
CA THR A 149 -5.89 -3.42 28.44
C THR A 149 -5.30 -4.83 28.45
N THR A 150 -4.20 -5.06 27.73
CA THR A 150 -3.68 -6.41 27.57
C THR A 150 -2.27 -6.60 28.10
N HIS A 151 -1.32 -5.76 27.68
CA HIS A 151 0.08 -6.11 27.82
C HIS A 151 0.62 -5.92 29.23
N ILE A 152 0.16 -4.92 29.99
CA ILE A 152 0.65 -4.77 31.35
C ILE A 152 0.10 -5.89 32.23
N SER A 153 -1.20 -6.16 32.12
CA SER A 153 -1.78 -7.29 32.85
C SER A 153 -1.21 -8.61 32.36
N GLY A 154 -0.99 -8.72 31.05
CA GLY A 154 -0.38 -9.92 30.51
C GLY A 154 1.02 -10.16 31.07
N PHE A 155 1.81 -9.09 31.19
CA PHE A 155 3.14 -9.22 31.79
C PHE A 155 3.07 -9.61 33.25
N ILE A 156 2.16 -9.01 34.01
CA ILE A 156 2.04 -9.36 35.43
C ILE A 156 1.64 -10.81 35.58
N THR A 157 0.64 -11.25 34.82
CA THR A 157 0.19 -12.63 34.88
C THR A 157 1.28 -13.59 34.43
N GLY A 158 2.04 -13.23 33.39
CA GLY A 158 3.10 -14.10 32.92
C GLY A 158 4.23 -14.23 33.94
N ILE A 159 4.62 -13.14 34.57
CA ILE A 159 5.65 -13.19 35.60
C ILE A 159 5.18 -14.07 36.75
N ILE A 160 3.93 -13.88 37.19
CA ILE A 160 3.41 -14.68 38.30
C ILE A 160 3.38 -16.15 37.91
N SER A 161 2.90 -16.46 36.70
CA SER A 161 2.81 -17.85 36.26
C SER A 161 4.17 -18.51 36.21
N VAL A 162 5.15 -17.86 35.58
CA VAL A 162 6.47 -18.46 35.44
C VAL A 162 7.11 -18.67 36.81
N ILE A 163 7.07 -17.63 37.66
CA ILE A 163 7.72 -17.74 38.96
C ILE A 163 7.07 -18.82 39.81
N GLY A 164 5.73 -18.82 39.87
CA GLY A 164 5.04 -19.81 40.68
C GLY A 164 5.21 -21.22 40.16
N SER A 165 5.20 -21.39 38.84
CA SER A 165 5.39 -22.73 38.28
C SER A 165 6.79 -23.25 38.56
N LEU A 166 7.81 -22.40 38.43
CA LEU A 166 9.16 -22.85 38.77
C LEU A 166 9.27 -23.19 40.25
N THR A 167 8.68 -22.37 41.12
CA THR A 167 8.74 -22.66 42.55
C THR A 167 8.03 -23.97 42.89
N ILE A 168 6.86 -24.19 42.30
CA ILE A 168 6.10 -25.41 42.58
C ILE A 168 6.83 -26.63 42.04
N LEU A 169 7.46 -26.50 40.87
CA LEU A 169 8.24 -27.60 40.34
C LEU A 169 9.44 -27.91 41.23
N PHE A 170 10.07 -26.88 41.79
CA PHE A 170 11.16 -27.09 42.73
C PHE A 170 10.69 -27.81 43.98
N ILE A 171 9.53 -27.42 44.51
CA ILE A 171 9.04 -28.04 45.72
C ILE A 171 8.59 -29.48 45.47
N MET A 172 7.89 -29.72 44.36
CA MET A 172 7.24 -31.01 44.14
C MET A 172 8.21 -32.03 43.55
N ASN A 173 8.73 -31.78 42.36
CA ASN A 173 9.57 -32.74 41.66
C ASN A 173 11.05 -32.50 41.89
N TRP A 174 11.40 -31.49 42.70
CA TRP A 174 12.73 -31.28 43.24
C TRP A 174 13.76 -31.04 42.14
N LYS A 175 15.05 -31.18 42.47
CA LYS A 175 16.11 -30.62 41.63
C LYS A 175 16.16 -31.29 40.27
N LEU A 176 16.05 -32.63 40.25
CA LEU A 176 16.52 -33.42 39.11
C LEU A 176 15.86 -32.99 37.80
N THR A 177 14.54 -33.09 37.72
CA THR A 177 13.87 -32.81 36.46
C THR A 177 13.86 -31.31 36.15
N LEU A 178 13.69 -30.46 37.15
CA LEU A 178 13.61 -29.03 36.88
C LEU A 178 14.97 -28.49 36.45
N LEU A 179 16.05 -29.05 36.98
CA LEU A 179 17.38 -28.62 36.54
C LEU A 179 17.59 -28.91 35.06
N VAL A 180 17.18 -30.09 34.60
CA VAL A 180 17.28 -30.36 33.16
C VAL A 180 16.31 -29.47 32.40
N LEU A 181 15.18 -29.13 33.01
CA LEU A 181 14.21 -28.24 32.37
C LEU A 181 14.80 -26.86 32.11
N VAL A 182 15.55 -26.32 33.07
CA VAL A 182 16.15 -25.00 32.92
C VAL A 182 17.56 -25.06 32.34
N VAL A 183 18.10 -26.26 32.10
CA VAL A 183 19.30 -26.39 31.30
C VAL A 183 18.95 -26.50 29.82
N VAL A 184 17.78 -27.05 29.50
CA VAL A 184 17.30 -27.18 28.12
C VAL A 184 17.30 -25.84 27.38
N PRO A 185 16.89 -24.70 27.99
CA PRO A 185 16.90 -23.42 27.25
C PRO A 185 18.26 -23.05 26.66
N LEU A 186 19.30 -23.85 26.91
CA LEU A 186 20.48 -23.79 26.05
C LEU A 186 20.10 -24.09 24.61
N ALA A 187 19.00 -24.83 24.40
CA ALA A 187 18.47 -25.05 23.06
C ALA A 187 18.04 -23.73 22.41
N ALA A 188 17.65 -22.74 23.23
CA ALA A 188 17.35 -21.43 22.66
C ALA A 188 18.60 -20.79 22.07
N LEU A 189 19.75 -20.99 22.71
CA LEU A 189 21.01 -20.46 22.21
C LEU A 189 21.46 -21.13 20.91
N ILE A 190 20.83 -22.22 20.52
CA ILE A 190 21.07 -22.85 19.24
C ILE A 190 19.97 -22.53 18.23
N LEU A 191 18.74 -22.33 18.71
CA LEU A 191 17.65 -22.01 17.80
C LEU A 191 17.72 -20.57 17.32
N VAL A 192 18.00 -19.62 18.22
CA VAL A 192 17.85 -18.20 17.88
C VAL A 192 18.81 -17.76 16.77
N PRO A 193 20.11 -18.05 16.83
CA PRO A 193 20.96 -17.67 15.68
C PRO A 193 20.53 -18.34 14.38
N ILE A 194 20.09 -19.60 14.46
CA ILE A 194 19.60 -20.30 13.28
C ILE A 194 18.36 -19.61 12.72
N GLY A 195 17.42 -19.25 13.60
CA GLY A 195 16.24 -18.54 13.14
C GLY A 195 16.57 -17.19 12.52
N ARG A 196 17.53 -16.48 13.09
CA ARG A 196 17.91 -15.18 12.53
C ARG A 196 18.60 -15.34 11.19
N LYS A 197 19.39 -16.41 11.02
CA LYS A 197 19.99 -16.67 9.71
C LYS A 197 18.93 -16.98 8.67
N MET A 198 17.92 -17.77 9.05
CA MET A 198 16.76 -17.97 8.17
C MET A 198 16.10 -16.66 7.81
N PHE A 199 15.89 -15.78 8.80
CA PHE A 199 15.22 -14.51 8.52
C PHE A 199 16.06 -13.65 7.57
N SER A 200 17.37 -13.63 7.77
CA SER A 200 18.24 -12.84 6.89
C SER A 200 18.22 -13.37 5.46
N ILE A 201 18.30 -14.69 5.30
CA ILE A 201 18.29 -15.26 3.96
C ILE A 201 16.94 -15.01 3.29
N SER A 202 15.85 -15.14 4.04
CA SER A 202 14.53 -14.86 3.49
C SER A 202 14.40 -13.40 3.05
N ARG A 203 14.94 -12.48 3.86
CA ARG A 203 14.89 -11.07 3.48
C ARG A 203 15.71 -10.80 2.23
N GLU A 204 16.88 -11.43 2.11
CA GLU A 204 17.69 -11.25 0.91
C GLU A 204 16.97 -11.80 -0.32
N THR A 205 16.32 -12.95 -0.19
CA THR A 205 15.55 -13.51 -1.31
C THR A 205 14.40 -12.58 -1.69
N GLN A 206 13.72 -12.01 -0.69
CA GLN A 206 12.64 -11.08 -0.97
C GLN A 206 13.15 -9.84 -1.69
N ASP A 207 14.31 -9.33 -1.29
CA ASP A 207 14.88 -8.17 -1.97
C ASP A 207 15.25 -8.50 -3.41
N GLU A 208 15.81 -9.68 -3.65
CA GLU A 208 16.13 -10.07 -5.01
C GLU A 208 14.88 -10.21 -5.87
N THR A 209 13.81 -10.78 -5.29
CA THR A 209 12.55 -10.87 -6.02
C THR A 209 11.99 -9.49 -6.33
N ALA A 210 12.11 -8.55 -5.38
CA ALA A 210 11.68 -7.18 -5.63
C ALA A 210 12.48 -6.56 -6.77
N ARG A 211 13.79 -6.79 -6.80
CA ARG A 211 14.60 -6.28 -7.90
C ARG A 211 14.17 -6.88 -9.24
N PHE A 212 13.89 -8.19 -9.27
CA PHE A 212 13.47 -8.83 -10.51
C PHE A 212 12.14 -8.28 -11.01
N THR A 213 11.17 -8.15 -10.11
CA THR A 213 9.86 -7.64 -10.53
C THR A 213 9.95 -6.17 -10.91
N GLY A 214 10.83 -5.40 -10.27
CA GLY A 214 11.05 -4.04 -10.70
C GLY A 214 11.64 -3.96 -12.10
N LEU A 215 12.61 -4.84 -12.40
CA LEU A 215 13.17 -4.89 -13.75
C LEU A 215 12.10 -5.23 -14.78
N LEU A 216 11.25 -6.22 -14.47
CA LEU A 216 10.19 -6.59 -15.41
C LEU A 216 9.18 -5.46 -15.60
N ASN A 217 8.79 -4.81 -14.49
CA ASN A 217 7.85 -3.69 -14.59
C ASN A 217 8.47 -2.47 -15.26
N GLN A 218 9.79 -2.37 -15.28
CA GLN A 218 10.45 -1.34 -16.07
C GLN A 218 10.44 -1.70 -17.55
N ILE A 219 10.72 -2.96 -17.88
CA ILE A 219 10.84 -3.36 -19.27
C ILE A 219 9.49 -3.33 -19.98
N LEU A 220 8.45 -3.83 -19.31
CA LEU A 220 7.18 -4.09 -19.99
C LEU A 220 6.54 -2.87 -20.63
N PRO A 221 6.41 -1.71 -19.97
CA PRO A 221 5.69 -0.59 -20.60
C PRO A 221 6.28 -0.14 -21.92
N GLU A 222 7.58 -0.29 -22.13
CA GLU A 222 8.22 0.10 -23.37
C GLU A 222 8.28 -1.03 -24.39
N ILE A 223 7.34 -1.98 -24.31
CA ILE A 223 7.37 -3.14 -25.20
C ILE A 223 7.25 -2.71 -26.66
N ARG A 224 6.56 -1.60 -26.92
CA ARG A 224 6.47 -1.10 -28.29
C ARG A 224 7.85 -0.72 -28.82
N LEU A 225 8.65 -0.03 -28.00
CA LEU A 225 10.00 0.31 -28.40
C LEU A 225 10.87 -0.94 -28.52
N VAL A 226 10.70 -1.90 -27.61
CA VAL A 226 11.49 -3.14 -27.69
C VAL A 226 11.23 -3.85 -29.00
N LYS A 227 9.97 -3.98 -29.39
CA LYS A 227 9.64 -4.69 -30.62
C LYS A 227 9.99 -3.87 -31.85
N ALA A 228 9.94 -2.54 -31.74
CA ALA A 228 10.31 -1.70 -32.88
C ALA A 228 11.77 -1.89 -33.25
N SER A 229 12.64 -2.04 -32.24
CA SER A 229 14.06 -2.25 -32.47
C SER A 229 14.39 -3.70 -32.80
N ASN A 230 13.43 -4.61 -32.69
CA ASN A 230 13.64 -6.03 -32.97
C ASN A 230 14.76 -6.62 -32.11
N ALA A 231 14.85 -6.14 -30.86
CA ALA A 231 15.84 -6.62 -29.91
C ALA A 231 15.22 -7.45 -28.78
N GLU A 232 14.01 -7.98 -29.01
CA GLU A 232 13.29 -8.67 -27.95
C GLU A 232 14.12 -9.81 -27.37
N ASP A 233 14.81 -10.57 -28.23
CA ASP A 233 15.67 -11.65 -27.75
C ASP A 233 16.65 -11.15 -26.71
N VAL A 234 17.30 -10.02 -27.00
CA VAL A 234 18.24 -9.44 -26.04
C VAL A 234 17.55 -9.20 -24.71
N GLU A 235 16.36 -8.60 -24.75
CA GLU A 235 15.61 -8.38 -23.51
C GLU A 235 15.30 -9.71 -22.84
N TYR A 236 14.87 -10.71 -23.63
CA TYR A 236 14.69 -12.04 -23.09
C TYR A 236 15.96 -12.50 -22.39
N GLY A 237 17.10 -12.32 -23.05
CA GLY A 237 18.37 -12.66 -22.42
C GLY A 237 18.55 -11.93 -21.11
N ARG A 238 18.27 -10.63 -21.09
CA ARG A 238 18.32 -9.88 -19.84
C ARG A 238 17.41 -10.53 -18.81
N GLY A 239 16.17 -10.83 -19.20
CA GLY A 239 15.28 -11.51 -18.28
C GLY A 239 15.86 -12.81 -17.79
N LYS A 240 16.47 -13.59 -18.70
CA LYS A 240 17.10 -14.84 -18.30
C LYS A 240 18.10 -14.61 -17.18
N MET A 241 18.93 -13.57 -17.33
CA MET A 241 19.91 -13.25 -16.29
C MET A 241 19.23 -13.07 -14.95
N GLY A 242 18.14 -12.29 -14.92
CA GLY A 242 17.40 -12.14 -13.68
C GLY A 242 16.92 -13.47 -13.15
N ILE A 243 16.31 -14.27 -14.04
CA ILE A 243 15.84 -15.59 -13.61
C ILE A 243 17.01 -16.45 -13.17
N SER A 244 18.19 -16.25 -13.76
CA SER A 244 19.37 -16.92 -13.25
C SER A 244 19.69 -16.46 -11.84
N SER A 245 19.74 -15.14 -11.63
CA SER A 245 20.17 -14.58 -10.35
C SER A 245 19.34 -15.16 -9.22
N LEU A 246 18.03 -14.90 -9.25
CA LEU A 246 17.10 -15.49 -8.28
C LEU A 246 17.42 -16.97 -8.06
N PHE A 247 17.51 -17.73 -9.14
CA PHE A 247 17.76 -19.17 -9.02
C PHE A 247 18.98 -19.43 -8.17
N LYS A 248 20.10 -18.79 -8.51
CA LYS A 248 21.31 -18.97 -7.72
C LYS A 248 21.03 -18.67 -6.26
N LEU A 249 20.46 -17.49 -5.98
CA LEU A 249 20.15 -17.14 -4.60
C LEU A 249 19.19 -18.16 -4.01
N GLY A 250 18.16 -18.55 -4.77
CA GLY A 250 17.25 -19.56 -4.29
C GLY A 250 17.98 -20.84 -3.90
N VAL A 251 18.91 -21.27 -4.76
CA VAL A 251 19.67 -22.48 -4.46
C VAL A 251 20.37 -22.32 -3.11
N ARG A 252 21.03 -21.17 -2.91
CA ARG A 252 21.67 -20.92 -1.63
C ARG A 252 20.70 -21.11 -0.49
N GLU A 253 19.52 -20.47 -0.59
CA GLU A 253 18.52 -20.61 0.45
C GLU A 253 18.24 -22.07 0.73
N ALA A 254 18.02 -22.84 -0.34
CA ALA A 254 17.78 -24.27 -0.19
C ALA A 254 18.83 -24.90 0.71
N LYS A 255 20.10 -24.73 0.34
CA LYS A 255 21.18 -25.32 1.13
C LYS A 255 21.08 -24.88 2.58
N VAL A 256 20.94 -23.58 2.80
CA VAL A 256 20.90 -23.08 4.17
C VAL A 256 19.65 -23.59 4.87
N GLN A 257 18.53 -23.66 4.14
CA GLN A 257 17.32 -24.19 4.75
C GLN A 257 17.49 -25.66 5.12
N SER A 258 18.32 -26.38 4.38
CA SER A 258 18.56 -27.78 4.72
C SER A 258 19.35 -27.93 6.01
N LEU A 259 19.96 -26.86 6.50
CA LEU A 259 20.57 -26.88 7.82
C LEU A 259 19.72 -26.18 8.87
N VAL A 260 18.48 -25.81 8.52
CA VAL A 260 17.62 -25.07 9.43
C VAL A 260 16.33 -25.82 9.70
N GLY A 261 15.74 -26.40 8.66
CA GLY A 261 14.49 -27.13 8.78
C GLY A 261 14.58 -28.34 9.68
N PRO A 262 15.47 -29.29 9.35
CA PRO A 262 15.59 -30.50 10.20
C PRO A 262 16.17 -30.21 11.56
N LEU A 263 17.30 -29.50 11.60
CA LEU A 263 18.03 -29.31 12.84
C LEU A 263 17.13 -28.77 13.94
N ILE A 264 16.41 -27.68 13.65
CA ILE A 264 15.48 -27.10 14.61
C ILE A 264 14.60 -28.20 15.19
N SER A 265 13.89 -28.92 14.32
CA SER A 265 13.02 -29.98 14.79
C SER A 265 13.79 -30.96 15.68
N LEU A 266 14.93 -31.43 15.18
CA LEU A 266 15.81 -32.30 15.96
C LEU A 266 15.95 -31.78 17.37
N VAL A 267 16.50 -30.56 17.50
CA VAL A 267 16.78 -30.02 18.82
C VAL A 267 15.52 -30.03 19.65
N LEU A 268 14.44 -29.48 19.11
CA LEU A 268 13.19 -29.43 19.87
C LEU A 268 12.81 -30.82 20.33
N MET A 269 12.76 -31.76 19.39
CA MET A 269 12.37 -33.12 19.75
C MET A 269 13.32 -33.66 20.81
N ALA A 270 14.62 -33.51 20.59
CA ALA A 270 15.59 -33.99 21.55
C ALA A 270 15.26 -33.42 22.92
N ALA A 271 15.14 -32.09 23.01
CA ALA A 271 14.81 -31.47 24.28
C ALA A 271 13.56 -32.10 24.86
N LEU A 272 12.49 -32.13 24.05
CA LEU A 272 11.25 -32.75 24.50
C LEU A 272 11.53 -34.11 25.11
N VAL A 273 12.11 -35.01 24.31
CA VAL A 273 12.30 -36.37 24.78
C VAL A 273 13.04 -36.34 26.10
N ALA A 274 14.17 -35.62 26.13
CA ALA A 274 14.98 -35.56 27.33
C ALA A 274 14.12 -35.27 28.53
N VAL A 275 13.44 -34.12 28.51
CA VAL A 275 12.62 -33.72 29.66
C VAL A 275 11.66 -34.85 29.99
N ILE A 276 10.79 -35.19 29.04
CA ILE A 276 9.75 -36.16 29.34
C ILE A 276 10.38 -37.50 29.63
N GLY A 277 11.48 -37.82 28.94
CA GLY A 277 12.13 -39.09 29.19
C GLY A 277 12.54 -39.20 30.64
N TYR A 278 13.17 -38.15 31.18
CA TYR A 278 13.57 -38.20 32.58
C TYR A 278 12.35 -38.42 33.46
N GLY A 279 11.27 -37.70 33.18
CA GLY A 279 10.05 -37.92 33.94
C GLY A 279 9.64 -39.37 33.92
N GLY A 280 9.57 -39.95 32.72
CA GLY A 280 9.22 -41.36 32.63
C GLY A 280 10.17 -42.23 33.42
N MET A 281 11.47 -41.94 33.31
CA MET A 281 12.45 -42.70 34.06
C MET A 281 12.18 -42.60 35.55
N GLN A 282 11.90 -41.38 36.03
CA GLN A 282 11.66 -41.21 37.45
C GLN A 282 10.36 -41.86 37.89
N VAL A 283 9.44 -42.12 36.96
CA VAL A 283 8.26 -42.89 37.31
C VAL A 283 8.63 -44.36 37.49
N SER A 284 9.50 -44.89 36.64
CA SER A 284 9.80 -46.31 36.69
C SER A 284 10.71 -46.65 37.87
N SER A 285 11.70 -45.80 38.15
CA SER A 285 12.66 -46.10 39.20
C SER A 285 12.04 -46.10 40.59
N GLY A 286 10.86 -45.52 40.76
CA GLY A 286 10.24 -45.41 42.06
C GLY A 286 10.53 -44.14 42.81
N GLU A 287 11.13 -43.14 42.17
CA GLU A 287 11.40 -41.87 42.80
C GLU A 287 10.09 -41.14 43.09
N LEU A 288 10.21 -39.94 43.67
CA LEU A 288 9.03 -39.20 44.09
C LEU A 288 8.28 -38.64 42.88
N THR A 289 7.73 -39.53 42.06
CA THR A 289 7.00 -39.11 40.87
C THR A 289 5.99 -40.20 40.52
N ALA A 290 4.73 -40.01 40.91
CA ALA A 290 3.65 -40.90 40.50
C ALA A 290 2.63 -40.18 39.61
N GLY A 291 2.07 -39.08 40.08
CA GLY A 291 1.25 -38.21 39.26
C GLY A 291 1.95 -36.88 39.09
N ALA A 292 3.11 -36.78 39.73
CA ALA A 292 3.95 -35.61 39.58
C ALA A 292 4.39 -35.42 38.14
N LEU A 293 4.45 -36.50 37.35
CA LEU A 293 4.73 -36.34 35.92
C LEU A 293 3.63 -35.57 35.22
N VAL A 294 2.36 -35.92 35.49
CA VAL A 294 1.24 -35.22 34.89
C VAL A 294 1.21 -33.77 35.35
N ALA A 295 1.41 -33.55 36.65
CA ALA A 295 1.50 -32.19 37.15
C ALA A 295 2.63 -31.42 36.47
N PHE A 296 3.75 -32.10 36.23
CA PHE A 296 4.90 -31.49 35.57
C PHE A 296 4.56 -31.06 34.15
N ILE A 297 3.88 -31.91 33.40
CA ILE A 297 3.53 -31.55 32.03
C ILE A 297 2.57 -30.37 32.02
N LEU A 298 1.57 -30.38 32.92
CA LEU A 298 0.65 -29.26 32.98
C LEU A 298 1.37 -27.97 33.35
N TYR A 299 2.34 -28.06 34.26
CA TYR A 299 3.08 -26.86 34.65
C TYR A 299 3.96 -26.37 33.52
N LEU A 300 4.53 -27.28 32.72
CA LEU A 300 5.27 -26.86 31.53
C LEU A 300 4.37 -26.13 30.56
N PHE A 301 3.15 -26.64 30.36
CA PHE A 301 2.22 -25.99 29.46
C PHE A 301 1.80 -24.62 29.97
N GLN A 302 1.69 -24.45 31.28
CA GLN A 302 1.45 -23.12 31.82
C GLN A 302 2.69 -22.24 31.80
N ILE A 303 3.89 -22.83 31.72
CA ILE A 303 5.12 -22.05 31.68
C ILE A 303 5.32 -21.44 30.29
N ILE A 304 5.10 -22.23 29.23
CA ILE A 304 5.64 -21.86 27.92
C ILE A 304 5.02 -20.57 27.40
N MET A 305 3.69 -20.48 27.41
CA MET A 305 3.02 -19.32 26.80
C MET A 305 3.36 -17.98 27.45
N PRO A 306 3.42 -17.85 28.78
CA PRO A 306 3.78 -16.56 29.37
C PRO A 306 5.13 -16.03 28.91
N MET A 307 6.06 -16.88 28.47
CA MET A 307 7.30 -16.38 27.90
C MET A 307 7.02 -15.55 26.65
N GLY A 308 6.19 -16.07 25.75
CA GLY A 308 5.78 -15.29 24.59
C GLY A 308 5.04 -14.03 24.97
N GLN A 309 4.16 -14.13 25.98
CA GLN A 309 3.45 -12.93 26.40
C GLN A 309 4.40 -11.86 26.92
N ILE A 310 5.41 -12.25 27.69
CA ILE A 310 6.38 -11.30 28.22
C ILE A 310 7.18 -10.66 27.10
N THR A 311 7.63 -11.46 26.12
CA THR A 311 8.38 -10.89 25.00
C THR A 311 7.53 -9.88 24.22
N THR A 312 6.27 -10.24 23.95
CA THR A 312 5.38 -9.31 23.26
C THR A 312 5.18 -8.04 24.08
N PHE A 313 5.07 -8.17 25.41
CA PHE A 313 4.93 -6.99 26.25
C PHE A 313 6.14 -6.09 26.14
N PHE A 314 7.34 -6.68 26.11
CA PHE A 314 8.55 -5.86 26.04
C PHE A 314 8.60 -5.09 24.72
N THR A 315 8.31 -5.76 23.60
CA THR A 315 8.31 -5.06 22.32
C THR A 315 7.23 -3.98 22.29
N GLN A 316 6.04 -4.29 22.81
CA GLN A 316 4.95 -3.32 22.78
C GLN A 316 5.22 -2.13 23.67
N LEU A 317 5.90 -2.33 24.81
CA LEU A 317 6.31 -1.20 25.63
C LEU A 317 7.35 -0.34 24.90
N GLN A 318 8.29 -0.98 24.22
CA GLN A 318 9.28 -0.22 23.45
C GLN A 318 8.60 0.65 22.40
N LYS A 319 7.53 0.16 21.79
CA LYS A 319 6.78 1.00 20.85
C LYS A 319 5.92 2.05 21.56
N SER A 320 5.29 1.67 22.67
CA SER A 320 4.29 2.53 23.30
C SER A 320 4.92 3.71 24.00
N ILE A 321 6.17 3.60 24.46
CA ILE A 321 6.81 4.77 25.06
C ILE A 321 6.95 5.88 24.02
N GLY A 322 7.38 5.54 22.81
CA GLY A 322 7.45 6.54 21.75
C GLY A 322 6.07 7.02 21.33
N ALA A 323 5.09 6.11 21.31
CA ALA A 323 3.73 6.53 20.98
C ALA A 323 3.21 7.56 21.98
N THR A 324 3.46 7.34 23.27
CA THR A 324 3.03 8.28 24.29
C THR A 324 3.80 9.61 24.18
N GLU A 325 5.09 9.53 23.82
CA GLU A 325 5.84 10.77 23.59
C GLU A 325 5.22 11.59 22.46
N ARG A 326 4.81 10.92 21.38
CA ARG A 326 4.14 11.62 20.29
C ARG A 326 2.80 12.19 20.75
N MET A 327 2.06 11.43 21.56
CA MET A 327 0.82 11.94 22.14
C MET A 327 1.05 13.25 22.86
N ILE A 328 2.04 13.27 23.75
CA ILE A 328 2.32 14.46 24.55
C ILE A 328 2.79 15.61 23.67
N GLU A 329 3.58 15.29 22.63
CA GLU A 329 4.03 16.33 21.71
C GLU A 329 2.84 16.99 21.03
N ILE A 330 1.83 16.21 20.63
CA ILE A 330 0.61 16.79 20.09
C ILE A 330 -0.09 17.62 21.15
N LEU A 331 -0.19 17.10 22.38
CA LEU A 331 -0.94 17.76 23.44
C LEU A 331 -0.17 18.90 24.10
N ALA A 332 0.99 19.29 23.60
CA ALA A 332 1.80 20.33 24.21
C ALA A 332 1.71 21.66 23.47
N GLU A 333 0.96 21.75 22.38
CA GLU A 333 0.84 22.99 21.63
C GLU A 333 -0.24 23.88 22.27
N GLU A 334 -0.53 25.01 21.64
CA GLU A 334 -1.48 25.96 22.21
C GLU A 334 -2.02 26.86 21.10
N GLU A 335 -3.16 27.50 21.39
CA GLU A 335 -3.75 28.49 20.50
C GLU A 335 -4.71 29.35 21.30
N GLU A 336 -4.98 30.55 20.78
CA GLU A 336 -5.85 31.52 21.43
C GLU A 336 -6.92 31.98 20.44
N ASP A 337 -8.15 32.11 20.92
CA ASP A 337 -9.27 32.54 20.10
C ASP A 337 -9.90 33.83 20.59
N THR A 338 -10.19 33.93 21.89
CA THR A 338 -10.76 35.14 22.48
C THR A 338 -9.85 35.76 23.53
N VAL A 339 -8.60 35.29 23.64
CA VAL A 339 -7.71 35.78 24.69
C VAL A 339 -7.34 37.23 24.48
N THR A 340 -7.21 37.67 23.22
CA THR A 340 -6.72 39.02 22.94
C THR A 340 -7.65 40.08 23.51
N GLY A 341 -8.96 39.90 23.35
CA GLY A 341 -9.91 40.85 23.87
C GLY A 341 -11.25 40.69 23.18
N LYS A 342 -12.15 41.64 23.45
CA LYS A 342 -13.46 41.67 22.78
C LYS A 342 -13.92 43.13 22.71
N GLN A 343 -13.59 43.80 21.62
CA GLN A 343 -14.02 45.18 21.41
C GLN A 343 -14.36 45.45 19.94
N ILE A 344 -15.07 44.53 19.31
CA ILE A 344 -15.53 44.75 17.94
C ILE A 344 -16.88 45.44 17.98
N GLU A 345 -17.01 46.53 17.24
CA GLU A 345 -18.27 47.26 17.21
C GLU A 345 -18.79 47.54 15.81
N ASN A 346 -17.91 47.83 14.86
CA ASN A 346 -18.35 48.13 13.50
C ASN A 346 -17.59 47.36 12.44
N ALA A 347 -16.27 47.21 12.60
CA ALA A 347 -15.42 46.51 11.64
C ALA A 347 -15.55 47.08 10.23
N HIS A 348 -15.76 48.40 10.12
CA HIS A 348 -15.91 49.08 8.83
C HIS A 348 -14.99 50.29 8.84
N LEU A 349 -13.76 50.10 8.37
CA LEU A 349 -12.76 51.16 8.34
C LEU A 349 -11.66 50.74 7.37
N PRO A 350 -10.95 51.70 6.75
CA PRO A 350 -9.81 51.32 5.90
C PRO A 350 -8.78 50.51 6.67
N ILE A 351 -8.20 49.52 5.98
CA ILE A 351 -7.21 48.62 6.55
C ILE A 351 -5.82 49.03 6.07
N GLN A 352 -4.85 49.01 6.98
CA GLN A 352 -3.50 49.43 6.66
C GLN A 352 -2.51 48.33 7.01
N LEU A 353 -1.55 48.11 6.12
CA LEU A 353 -0.39 47.29 6.41
C LEU A 353 0.78 48.23 6.67
N ASP A 354 1.33 48.19 7.88
CA ASP A 354 2.39 49.10 8.29
C ASP A 354 3.64 48.30 8.66
N ARG A 355 4.67 48.42 7.82
CA ARG A 355 5.99 47.84 8.07
C ARG A 355 5.91 46.33 8.26
N VAL A 356 4.97 45.68 7.57
CA VAL A 356 4.75 44.25 7.76
C VAL A 356 5.93 43.49 7.18
N SER A 357 6.64 42.74 8.04
CA SER A 357 7.80 41.97 7.60
C SER A 357 7.91 40.73 8.50
N PHE A 358 7.33 39.63 8.04
CA PHE A 358 7.45 38.34 8.71
C PHE A 358 6.85 37.25 7.84
N GLY A 359 7.46 36.07 7.87
CA GLY A 359 6.96 34.93 7.13
C GLY A 359 6.53 33.80 8.03
N TYR A 360 7.22 32.66 7.95
CA TYR A 360 6.96 31.52 8.82
C TYR A 360 7.99 31.38 9.92
N LYS A 361 9.26 31.66 9.63
CA LYS A 361 10.33 31.62 10.61
C LYS A 361 11.09 32.94 10.58
N PRO A 362 11.44 33.51 11.74
CA PRO A 362 12.13 34.80 11.74
C PRO A 362 13.45 34.79 11.00
N ASP A 363 14.14 33.65 10.95
CA ASP A 363 15.45 33.60 10.30
C ASP A 363 15.34 33.85 8.80
N GLN A 364 14.33 33.28 8.14
CA GLN A 364 14.22 33.39 6.69
C GLN A 364 13.78 34.79 6.27
N LEU A 365 12.81 35.38 6.98
CA LEU A 365 12.25 36.68 6.65
C LEU A 365 11.68 36.69 5.24
N ILE A 366 10.64 35.87 5.05
CA ILE A 366 9.99 35.77 3.74
C ILE A 366 9.25 37.04 3.34
N LEU A 367 8.97 37.93 4.29
CA LEU A 367 8.34 39.20 4.00
C LEU A 367 9.21 40.32 4.55
N LYS A 368 9.34 41.40 3.79
CA LYS A 368 10.26 42.48 4.14
C LYS A 368 9.59 43.83 3.88
N GLU A 369 9.24 44.52 4.97
CA GLU A 369 8.85 45.93 4.93
C GLU A 369 7.69 46.17 3.96
N VAL A 370 6.62 45.38 4.10
CA VAL A 370 5.45 45.54 3.26
C VAL A 370 4.52 46.57 3.89
N SER A 371 4.14 47.58 3.11
CA SER A 371 3.24 48.63 3.57
C SER A 371 2.24 48.96 2.48
N ALA A 372 0.98 49.16 2.87
CA ALA A 372 -0.09 49.42 1.91
C ALA A 372 -1.31 49.99 2.63
N VAL A 373 -2.20 50.58 1.85
CA VAL A 373 -3.44 51.16 2.34
C VAL A 373 -4.59 50.63 1.50
N ILE A 374 -5.71 50.30 2.15
CA ILE A 374 -6.93 49.87 1.47
C ILE A 374 -8.09 50.62 2.09
N GLU A 375 -8.90 51.26 1.25
CA GLU A 375 -10.05 52.01 1.73
C GLU A 375 -11.19 51.06 2.09
N ALA A 376 -12.24 51.61 2.69
CA ALA A 376 -13.38 50.84 3.17
C ALA A 376 -14.47 50.81 2.10
N GLY A 377 -15.02 49.62 1.87
CA GLY A 377 -16.09 49.48 0.89
C GLY A 377 -15.63 49.53 -0.54
N LYS A 378 -14.35 49.32 -0.80
CA LYS A 378 -13.79 49.35 -2.14
C LYS A 378 -13.11 48.02 -2.45
N VAL A 379 -13.33 47.52 -3.66
CA VAL A 379 -12.76 46.24 -4.06
C VAL A 379 -11.26 46.41 -4.28
N THR A 380 -10.48 45.48 -3.73
CA THR A 380 -9.02 45.58 -3.80
C THR A 380 -8.43 44.29 -4.36
N ALA A 381 -7.34 44.40 -5.12
CA ALA A 381 -6.74 43.26 -5.76
C ALA A 381 -5.33 43.05 -5.23
N ILE A 382 -4.91 41.78 -5.19
CA ILE A 382 -3.57 41.39 -4.75
C ILE A 382 -3.05 40.43 -5.81
N VAL A 383 -2.19 40.92 -6.71
CA VAL A 383 -1.68 40.11 -7.80
C VAL A 383 -0.26 39.66 -7.45
N GLY A 384 -0.09 38.35 -7.29
CA GLY A 384 1.19 37.78 -6.97
C GLY A 384 1.71 36.86 -8.05
N PRO A 385 3.02 36.62 -8.07
CA PRO A 385 3.61 35.77 -9.09
C PRO A 385 3.58 34.29 -8.69
N SER A 386 3.98 33.45 -9.64
CA SER A 386 4.01 32.00 -9.43
C SER A 386 5.21 31.65 -8.57
N GLY A 387 4.99 31.62 -7.25
CA GLY A 387 6.05 31.30 -6.32
C GLY A 387 6.50 32.48 -5.49
N GLY A 388 5.76 33.58 -5.57
CA GLY A 388 6.11 34.77 -4.82
C GLY A 388 5.61 34.74 -3.38
N GLY A 389 4.98 35.83 -2.94
CA GLY A 389 4.48 35.91 -1.59
C GLY A 389 2.98 36.16 -1.52
N LYS A 390 2.27 35.82 -2.60
CA LYS A 390 0.82 36.04 -2.62
C LYS A 390 0.12 35.19 -1.57
N THR A 391 0.50 33.91 -1.46
CA THR A 391 -0.11 33.03 -0.47
C THR A 391 0.21 33.49 0.95
N THR A 392 1.46 33.87 1.19
CA THR A 392 1.86 34.36 2.51
C THR A 392 1.11 35.63 2.86
N LEU A 393 0.97 36.55 1.90
CA LEU A 393 0.24 37.79 2.17
C LEU A 393 -1.24 37.51 2.44
N PHE A 394 -1.83 36.56 1.71
CA PHE A 394 -3.20 36.18 1.97
C PHE A 394 -3.36 35.64 3.38
N LYS A 395 -2.51 34.68 3.76
CA LYS A 395 -2.60 34.11 5.10
C LYS A 395 -2.36 35.17 6.17
N LEU A 396 -1.52 36.16 5.87
CA LEU A 396 -1.28 37.25 6.81
C LEU A 396 -2.52 38.12 6.99
N LEU A 397 -3.14 38.51 5.86
CA LEU A 397 -4.37 39.30 5.93
C LEU A 397 -5.51 38.47 6.50
N GLU A 398 -5.49 37.16 6.25
CA GLU A 398 -6.55 36.28 6.70
C GLU A 398 -6.39 35.94 8.18
N ARG A 399 -5.36 36.52 8.80
CA ARG A 399 -5.14 36.48 10.25
C ARG A 399 -4.89 35.07 10.77
N PHE A 400 -4.46 34.15 9.91
CA PHE A 400 -4.02 32.85 10.39
C PHE A 400 -2.57 32.84 10.86
N TYR A 401 -1.81 33.89 10.58
CA TYR A 401 -0.42 33.98 11.01
C TYR A 401 -0.26 35.10 12.02
N SER A 402 0.45 34.81 13.10
CA SER A 402 0.64 35.78 14.17
C SER A 402 1.64 36.85 13.74
N PRO A 403 1.27 38.13 13.76
CA PRO A 403 2.24 39.18 13.43
C PRO A 403 3.40 39.21 14.42
N THR A 404 4.58 39.53 13.91
CA THR A 404 5.78 39.61 14.74
C THR A 404 6.39 41.00 14.75
N ALA A 405 6.54 41.63 13.58
CA ALA A 405 7.16 42.95 13.49
C ALA A 405 6.21 44.01 12.99
N GLY A 406 5.52 43.77 11.88
CA GLY A 406 4.63 44.75 11.30
C GLY A 406 3.28 44.79 11.98
N THR A 407 2.38 45.60 11.41
CA THR A 407 1.05 45.80 11.98
C THR A 407 0.00 45.76 10.88
N ILE A 408 -0.96 44.84 11.02
CA ILE A 408 -2.13 44.80 10.13
C ILE A 408 -3.26 45.47 10.89
N ARG A 409 -3.41 46.78 10.68
CA ARG A 409 -4.23 47.64 11.51
C ARG A 409 -5.53 48.03 10.82
N LEU A 410 -6.52 48.34 11.65
CA LEU A 410 -7.77 48.98 11.25
C LEU A 410 -7.83 50.40 11.78
N GLY A 411 -6.66 51.00 12.00
CA GLY A 411 -6.57 52.30 12.63
C GLY A 411 -6.38 52.16 14.12
N ASP A 412 -5.22 52.55 14.64
CA ASP A 412 -4.84 52.42 16.05
C ASP A 412 -4.62 50.94 16.41
N GLU A 413 -4.56 50.07 15.41
CA GLU A 413 -4.27 48.64 15.55
C GLU A 413 -5.15 47.97 16.61
N PRO A 414 -6.46 47.88 16.39
CA PRO A 414 -7.33 47.18 17.34
C PRO A 414 -7.37 45.66 17.16
N VAL A 415 -6.84 45.14 16.06
CA VAL A 415 -6.95 43.71 15.77
C VAL A 415 -6.25 42.85 16.81
N ASP A 416 -5.29 43.40 17.54
CA ASP A 416 -4.60 42.67 18.58
C ASP A 416 -5.26 42.79 19.94
N THR A 417 -6.29 43.63 20.07
CA THR A 417 -6.95 43.87 21.34
C THR A 417 -8.39 43.38 21.36
N TYR A 418 -8.85 42.72 20.29
CA TYR A 418 -10.16 42.09 20.27
C TYR A 418 -10.06 40.70 19.65
N SER A 419 -11.08 39.89 19.94
CA SER A 419 -11.04 38.47 19.62
C SER A 419 -10.86 38.22 18.14
N LEU A 420 -9.97 37.28 17.82
CA LEU A 420 -9.79 36.85 16.44
C LEU A 420 -11.06 36.21 15.90
N GLU A 421 -11.88 35.64 16.78
CA GLU A 421 -13.15 35.06 16.34
C GLU A 421 -14.12 36.15 15.90
N SER A 422 -14.09 37.32 16.56
CA SER A 422 -14.90 38.44 16.13
C SER A 422 -14.49 38.90 14.73
N TRP A 423 -13.19 38.89 14.46
CA TRP A 423 -12.70 39.13 13.10
C TRP A 423 -13.24 38.09 12.13
N ARG A 424 -13.18 36.81 12.52
CA ARG A 424 -13.52 35.75 11.58
C ARG A 424 -15.02 35.71 11.26
N GLU A 425 -15.88 36.07 12.22
CA GLU A 425 -17.31 36.11 11.95
C GLU A 425 -17.68 37.17 10.93
N HIS A 426 -16.91 38.25 10.86
CA HIS A 426 -17.21 39.35 9.95
C HIS A 426 -16.52 39.21 8.59
N ILE A 427 -15.82 38.09 8.35
CA ILE A 427 -15.09 37.88 7.11
C ILE A 427 -15.73 36.72 6.35
N GLY A 428 -15.90 36.91 5.05
CA GLY A 428 -16.34 35.84 4.17
C GLY A 428 -15.18 35.37 3.31
N TYR A 429 -15.10 34.06 3.10
CA TYR A 429 -13.92 33.48 2.44
C TYR A 429 -14.31 32.28 1.60
N VAL A 430 -13.96 32.32 0.31
CA VAL A 430 -13.88 31.16 -0.57
C VAL A 430 -12.87 31.49 -1.65
N SER A 431 -11.84 30.66 -1.81
CA SER A 431 -10.65 31.07 -2.54
C SER A 431 -10.49 30.36 -3.88
N GLN A 432 -10.32 29.04 -3.89
CA GLN A 432 -10.14 28.36 -5.16
C GLN A 432 -11.16 27.25 -5.36
N GLU A 433 -11.27 26.35 -4.40
CA GLU A 433 -12.23 25.25 -4.47
C GLU A 433 -13.26 25.32 -3.35
N SER A 434 -12.81 25.30 -2.09
CA SER A 434 -13.67 25.13 -0.92
C SER A 434 -14.73 24.07 -1.21
N PRO A 435 -14.31 22.83 -1.47
CA PRO A 435 -15.18 21.87 -2.19
C PRO A 435 -16.51 21.62 -1.52
N LEU A 436 -16.51 21.09 -0.29
CA LEU A 436 -17.72 20.67 0.37
C LEU A 436 -17.40 20.29 1.80
N MET A 437 -18.38 20.47 2.68
CA MET A 437 -18.32 19.97 4.04
C MET A 437 -19.34 18.84 4.14
N SER A 438 -18.88 17.67 4.58
CA SER A 438 -19.70 16.46 4.58
C SER A 438 -21.07 16.69 5.20
N GLY A 439 -22.12 16.57 4.40
CA GLY A 439 -23.46 16.86 4.87
C GLY A 439 -24.39 17.18 3.72
N THR A 440 -25.36 18.05 3.98
CA THR A 440 -26.30 18.48 2.98
C THR A 440 -26.12 19.97 2.67
N ILE A 441 -26.91 20.45 1.71
CA ILE A 441 -26.79 21.84 1.27
C ILE A 441 -27.15 22.79 2.41
N ARG A 442 -28.22 22.47 3.14
CA ARG A 442 -28.67 23.35 4.21
C ARG A 442 -27.62 23.47 5.31
N GLU A 443 -26.98 22.37 5.69
CA GLU A 443 -25.89 22.45 6.66
C GLU A 443 -24.68 23.18 6.08
N ASN A 444 -24.35 22.90 4.82
CA ASN A 444 -23.20 23.53 4.19
C ASN A 444 -23.36 25.03 4.02
N ILE A 445 -24.59 25.54 4.02
CA ILE A 445 -24.85 26.97 4.09
C ILE A 445 -25.20 27.42 5.50
N CYS A 446 -25.35 26.49 6.44
CA CYS A 446 -25.60 26.79 7.84
C CYS A 446 -24.34 26.60 8.69
N TYR A 447 -23.17 26.54 8.06
CA TYR A 447 -21.92 26.37 8.79
C TYR A 447 -21.62 27.56 9.70
N GLY A 448 -22.27 28.70 9.47
CA GLY A 448 -21.99 29.90 10.24
C GLY A 448 -23.10 30.30 11.19
N LEU A 449 -23.73 29.34 11.84
CA LEU A 449 -24.74 29.65 12.85
C LEU A 449 -24.09 30.24 14.10
N GLU A 450 -24.03 31.57 14.16
CA GLU A 450 -23.42 32.27 15.29
C GLU A 450 -24.44 32.47 16.41
N ARG A 451 -25.08 31.38 16.82
CA ARG A 451 -26.13 31.32 17.82
C ARG A 451 -27.42 32.01 17.38
N ASP A 452 -27.49 32.47 16.13
CA ASP A 452 -28.71 33.09 15.62
C ASP A 452 -29.66 32.10 14.98
N VAL A 453 -29.17 30.89 14.65
CA VAL A 453 -29.95 29.80 14.05
C VAL A 453 -30.38 30.16 12.63
N THR A 454 -30.42 31.46 12.31
CA THR A 454 -30.74 31.99 10.99
C THR A 454 -32.14 31.61 10.52
N ASP A 455 -32.97 31.10 11.42
CA ASP A 455 -34.35 30.73 11.13
C ASP A 455 -34.47 29.92 9.85
N ALA A 456 -35.33 30.35 8.93
CA ALA A 456 -35.50 29.71 7.64
C ALA A 456 -35.09 30.62 6.48
N GLU A 457 -34.29 31.65 6.75
CA GLU A 457 -33.85 32.60 5.74
C GLU A 457 -33.01 31.93 4.67
N ILE A 458 -32.41 30.80 5.01
CA ILE A 458 -31.32 30.20 4.25
C ILE A 458 -31.69 30.03 2.77
N GLU A 459 -32.70 29.21 2.49
CA GLU A 459 -33.12 29.02 1.12
C GLU A 459 -33.57 30.32 0.47
N LYS A 460 -34.27 31.17 1.23
CA LYS A 460 -34.64 32.48 0.71
C LYS A 460 -33.39 33.28 0.34
N ALA A 461 -32.37 33.25 1.21
CA ALA A 461 -31.10 33.85 0.87
C ALA A 461 -30.46 33.21 -0.35
N ALA A 462 -30.66 31.89 -0.53
CA ALA A 462 -30.20 31.23 -1.74
C ALA A 462 -30.87 31.84 -2.96
N GLU A 463 -32.16 32.18 -2.85
CA GLU A 463 -32.82 32.89 -3.93
C GLU A 463 -32.25 34.30 -4.06
N MET A 464 -31.87 34.92 -2.94
CA MET A 464 -31.18 36.21 -3.01
C MET A 464 -29.80 36.04 -3.65
N ALA A 465 -29.21 34.85 -3.51
CA ALA A 465 -27.94 34.52 -4.14
C ALA A 465 -28.11 33.82 -5.47
N TYR A 466 -29.35 33.74 -5.97
CA TYR A 466 -29.66 33.05 -7.22
C TYR A 466 -29.31 31.57 -7.17
N ALA A 467 -29.35 30.98 -5.97
CA ALA A 467 -29.05 29.57 -5.79
C ALA A 467 -30.29 28.71 -5.65
N LEU A 468 -31.36 29.22 -5.02
CA LEU A 468 -32.60 28.45 -4.94
C LEU A 468 -33.19 28.20 -6.31
N ASN A 469 -33.19 29.22 -7.16
CA ASN A 469 -33.65 29.04 -8.54
C ASN A 469 -32.71 28.13 -9.33
N PHE A 470 -31.44 28.06 -8.92
CA PHE A 470 -30.51 27.14 -9.56
C PHE A 470 -30.74 25.70 -9.08
N ILE A 471 -31.14 25.52 -7.82
CA ILE A 471 -31.40 24.21 -7.26
C ILE A 471 -32.88 23.85 -7.32
N LYS A 472 -33.67 24.60 -8.09
CA LYS A 472 -35.12 24.37 -8.17
C LYS A 472 -35.46 22.96 -8.64
N GLU A 473 -34.54 22.26 -9.31
CA GLU A 473 -34.77 20.87 -9.64
C GLU A 473 -35.11 20.06 -8.40
N LEU A 474 -34.47 20.37 -7.27
CA LEU A 474 -34.83 19.87 -5.95
C LEU A 474 -34.93 18.36 -5.88
N PRO A 475 -33.82 17.63 -5.90
CA PRO A 475 -33.90 16.21 -5.52
C PRO A 475 -34.50 16.02 -4.14
N ASN A 476 -34.16 16.92 -3.22
CA ASN A 476 -34.85 17.10 -1.94
C ASN A 476 -34.30 18.37 -1.32
N GLN A 477 -34.78 18.68 -0.12
CA GLN A 477 -34.34 19.88 0.59
C GLN A 477 -33.34 19.58 1.71
N PHE A 478 -33.71 18.71 2.64
CA PHE A 478 -32.85 18.36 3.76
C PHE A 478 -32.09 17.06 3.57
N ASP A 479 -32.59 16.16 2.72
CA ASP A 479 -31.96 14.87 2.49
C ASP A 479 -31.04 14.85 1.27
N THR A 480 -30.82 16.00 0.62
CA THR A 480 -29.94 16.05 -0.54
C THR A 480 -28.51 15.79 -0.06
N GLU A 481 -28.03 14.56 -0.26
CA GLU A 481 -26.77 14.12 0.31
C GLU A 481 -25.67 14.26 -0.74
N VAL A 482 -24.62 15.02 -0.38
CA VAL A 482 -23.44 15.12 -1.23
C VAL A 482 -22.46 13.99 -1.01
N GLY A 483 -22.73 13.10 -0.06
CA GLY A 483 -21.87 11.96 0.19
C GLY A 483 -20.51 12.32 0.75
N GLU A 484 -19.81 11.30 1.28
CA GLU A 484 -18.45 11.54 1.77
C GLU A 484 -17.51 11.86 0.61
N ARG A 485 -17.68 11.19 -0.53
CA ARG A 485 -16.80 11.42 -1.67
C ARG A 485 -16.97 12.81 -2.24
N GLY A 486 -18.21 13.22 -2.49
CA GLY A 486 -18.49 14.52 -3.09
C GLY A 486 -17.97 14.64 -4.51
N ILE A 487 -18.53 13.86 -5.42
CA ILE A 487 -18.06 13.86 -6.81
C ILE A 487 -19.18 14.08 -7.82
N MET A 488 -20.45 13.90 -7.47
CA MET A 488 -21.52 14.06 -8.45
C MET A 488 -21.84 15.52 -8.75
N LEU A 489 -21.36 16.45 -7.93
CA LEU A 489 -21.54 17.87 -8.17
C LEU A 489 -20.23 18.47 -8.69
N SER A 490 -20.32 19.18 -9.81
CA SER A 490 -19.16 19.81 -10.41
C SER A 490 -18.74 21.02 -9.58
N GLY A 491 -17.57 21.58 -9.91
CA GLY A 491 -17.11 22.76 -9.19
C GLY A 491 -18.00 23.96 -9.40
N GLY A 492 -18.80 23.95 -10.47
CA GLY A 492 -19.66 25.09 -10.75
C GLY A 492 -20.73 25.29 -9.71
N GLN A 493 -21.40 24.21 -9.29
CA GLN A 493 -22.51 24.34 -8.36
C GLN A 493 -22.02 24.60 -6.94
N ARG A 494 -20.90 23.99 -6.55
CA ARG A 494 -20.44 24.12 -5.17
C ARG A 494 -19.99 25.55 -4.85
N GLN A 495 -19.41 26.24 -5.82
CA GLN A 495 -18.94 27.60 -5.56
C GLN A 495 -20.11 28.58 -5.47
N ARG A 496 -21.20 28.32 -6.20
CA ARG A 496 -22.40 29.10 -6.00
C ARG A 496 -22.93 28.92 -4.57
N ILE A 497 -22.89 27.69 -4.06
CA ILE A 497 -23.28 27.43 -2.68
C ILE A 497 -22.36 28.17 -1.71
N ALA A 498 -21.06 28.18 -2.00
CA ALA A 498 -20.12 28.88 -1.13
C ALA A 498 -20.40 30.38 -1.10
N ILE A 499 -20.67 30.97 -2.27
CA ILE A 499 -21.00 32.39 -2.33
C ILE A 499 -22.30 32.67 -1.58
N ALA A 500 -23.29 31.79 -1.73
CA ALA A 500 -24.54 31.96 -1.01
C ALA A 500 -24.31 31.94 0.49
N ARG A 501 -23.50 30.99 0.97
CA ARG A 501 -23.19 30.94 2.39
C ARG A 501 -22.47 32.20 2.84
N ALA A 502 -21.51 32.66 2.04
CA ALA A 502 -20.72 33.83 2.41
C ALA A 502 -21.60 35.06 2.57
N LEU A 503 -22.54 35.26 1.63
CA LEU A 503 -23.44 36.41 1.75
C LEU A 503 -24.50 36.16 2.81
N LEU A 504 -24.76 34.90 3.16
CA LEU A 504 -25.76 34.60 4.18
C LEU A 504 -25.24 34.91 5.58
N ARG A 505 -23.99 34.55 5.87
CA ARG A 505 -23.47 34.67 7.23
C ARG A 505 -23.44 36.11 7.72
N ASN A 506 -22.54 36.92 7.17
CA ASN A 506 -22.34 38.31 7.59
C ASN A 506 -21.64 39.06 6.47
N PRO A 507 -22.41 39.62 5.54
CA PRO A 507 -21.79 40.39 4.45
C PRO A 507 -21.21 41.72 4.94
N SER A 508 -20.04 41.67 5.56
CA SER A 508 -19.35 42.86 6.03
C SER A 508 -18.03 43.09 5.31
N ILE A 509 -17.13 42.11 5.31
CA ILE A 509 -15.90 42.15 4.54
C ILE A 509 -15.72 40.79 3.89
N LEU A 510 -15.31 40.78 2.62
CA LEU A 510 -15.21 39.53 1.88
C LEU A 510 -13.87 39.47 1.17
N MET A 511 -13.24 38.29 1.18
CA MET A 511 -11.97 38.07 0.52
C MET A 511 -12.05 36.83 -0.35
N LEU A 512 -11.39 36.87 -1.50
CA LEU A 512 -11.48 35.83 -2.51
C LEU A 512 -10.12 35.63 -3.17
N ASP A 513 -9.84 34.38 -3.53
CA ASP A 513 -8.88 34.08 -4.58
C ASP A 513 -9.58 33.92 -5.93
N ALA A 514 -10.74 34.53 -6.10
CA ALA A 514 -11.51 34.51 -7.34
C ALA A 514 -11.79 33.08 -7.79
N ALA A 515 -12.66 32.43 -7.01
CA ALA A 515 -13.04 31.03 -7.22
C ALA A 515 -13.53 30.77 -8.64
N THR A 516 -13.70 31.84 -9.44
CA THR A 516 -13.90 31.72 -10.87
C THR A 516 -12.92 30.73 -11.47
N SER A 517 -13.39 29.94 -12.41
CA SER A 517 -12.65 28.79 -12.92
C SER A 517 -13.01 28.59 -14.39
N SER A 518 -12.80 27.38 -14.90
CA SER A 518 -13.08 26.99 -16.28
C SER A 518 -14.58 26.95 -16.59
N LEU A 519 -15.39 27.36 -15.61
CA LEU A 519 -16.84 27.40 -15.77
C LEU A 519 -17.32 28.12 -17.02
N ASP A 520 -16.47 28.98 -17.61
CA ASP A 520 -16.79 29.75 -18.81
C ASP A 520 -17.85 30.82 -18.51
N SER A 521 -17.99 31.77 -19.44
CA SER A 521 -18.75 32.99 -19.18
C SER A 521 -20.18 32.72 -18.71
N GLN A 522 -20.82 31.69 -19.27
CA GLN A 522 -22.23 31.41 -18.99
C GLN A 522 -22.50 31.31 -17.49
N SER A 523 -21.72 30.52 -16.78
CA SER A 523 -21.85 30.45 -15.33
C SER A 523 -21.09 31.59 -14.65
N GLU A 524 -19.95 31.98 -15.24
CA GLU A 524 -19.15 33.06 -14.69
C GLU A 524 -19.94 34.37 -14.64
N LYS A 525 -20.68 34.67 -15.72
CA LYS A 525 -21.47 35.90 -15.74
C LYS A 525 -22.46 35.93 -14.58
N SER A 526 -23.19 34.83 -14.39
CA SER A 526 -24.20 34.79 -13.33
C SER A 526 -23.56 34.92 -11.95
N VAL A 527 -22.53 34.11 -11.67
CA VAL A 527 -21.94 34.13 -10.34
C VAL A 527 -21.28 35.48 -10.05
N GLN A 528 -20.60 36.05 -11.05
CA GLN A 528 -19.91 37.32 -10.83
C GLN A 528 -20.92 38.45 -10.65
N GLN A 529 -21.97 38.50 -11.48
CA GLN A 529 -22.95 39.56 -11.32
C GLN A 529 -23.63 39.47 -9.97
N ALA A 530 -23.97 38.26 -9.53
CA ALA A 530 -24.58 38.09 -8.21
C ALA A 530 -23.65 38.58 -7.11
N LEU A 531 -22.39 38.14 -7.15
CA LEU A 531 -21.43 38.53 -6.11
C LEU A 531 -21.27 40.04 -6.07
N GLU A 532 -21.04 40.65 -7.25
CA GLU A 532 -20.75 42.08 -7.30
C GLU A 532 -21.97 42.90 -6.87
N VAL A 533 -23.18 42.46 -7.22
CA VAL A 533 -24.37 43.20 -6.80
C VAL A 533 -24.59 43.08 -5.29
N LEU A 534 -24.40 41.88 -4.74
CA LEU A 534 -24.63 41.71 -3.30
C LEU A 534 -23.61 42.48 -2.47
N MET A 535 -22.32 42.28 -2.73
CA MET A 535 -21.31 42.90 -1.81
C MET A 535 -20.78 44.23 -2.33
N GLU A 536 -21.53 44.91 -3.19
CA GLU A 536 -21.12 46.23 -3.68
C GLU A 536 -20.93 47.25 -2.56
N GLY A 537 -21.76 47.18 -1.52
CA GLY A 537 -21.68 48.13 -0.43
C GLY A 537 -20.70 47.79 0.67
N ARG A 538 -19.92 46.72 0.51
CA ARG A 538 -19.03 46.26 1.56
C ARG A 538 -17.64 45.98 0.99
N THR A 539 -16.66 45.87 1.90
CA THR A 539 -15.27 45.74 1.51
C THR A 539 -15.00 44.41 0.83
N THR A 540 -14.18 44.44 -0.22
CA THR A 540 -13.86 43.26 -1.01
C THR A 540 -12.37 43.20 -1.30
N ILE A 541 -11.83 41.98 -1.31
CA ILE A 541 -10.44 41.72 -1.63
C ILE A 541 -10.38 40.56 -2.62
N VAL A 542 -9.58 40.71 -3.68
CA VAL A 542 -9.37 39.66 -4.67
C VAL A 542 -7.87 39.42 -4.78
N ILE A 543 -7.47 38.15 -4.93
CA ILE A 543 -6.04 37.82 -4.86
C ILE A 543 -5.60 36.97 -6.05
N ALA A 544 -6.53 36.63 -6.94
CA ALA A 544 -6.19 35.72 -8.04
C ALA A 544 -5.37 36.43 -9.11
N HIS A 545 -5.13 35.72 -10.21
CA HIS A 545 -4.26 36.18 -11.30
C HIS A 545 -5.05 36.85 -12.43
N ARG A 546 -6.26 36.38 -12.70
CA ARG A 546 -7.02 36.85 -13.84
C ARG A 546 -7.39 38.32 -13.70
N LEU A 547 -7.52 39.00 -14.84
CA LEU A 547 -7.85 40.40 -14.89
C LEU A 547 -9.36 40.64 -14.98
N SER A 548 -10.16 39.58 -14.94
CA SER A 548 -11.62 39.74 -14.97
C SER A 548 -12.13 40.45 -13.73
N THR A 549 -11.47 40.29 -12.59
CA THR A 549 -11.89 40.94 -11.36
C THR A 549 -11.21 42.29 -11.14
N VAL A 550 -10.03 42.51 -11.75
CA VAL A 550 -9.32 43.76 -11.52
C VAL A 550 -10.06 44.92 -12.18
N VAL A 551 -10.80 44.67 -13.26
CA VAL A 551 -11.59 45.73 -13.88
C VAL A 551 -12.73 46.14 -12.96
N ASP A 552 -13.23 45.22 -12.15
CA ASP A 552 -14.24 45.53 -11.15
C ASP A 552 -13.63 45.87 -9.79
N ALA A 553 -12.30 45.84 -9.67
CA ALA A 553 -11.63 46.18 -8.43
C ALA A 553 -11.22 47.65 -8.47
N ASP A 554 -11.65 48.40 -7.46
CA ASP A 554 -11.35 49.83 -7.42
C ASP A 554 -9.86 50.08 -7.24
N GLN A 555 -9.19 49.27 -6.43
CA GLN A 555 -7.77 49.44 -6.16
C GLN A 555 -7.03 48.15 -6.51
N LEU A 556 -5.85 48.29 -7.12
CA LEU A 556 -5.02 47.15 -7.49
C LEU A 556 -3.67 47.23 -6.79
N LEU A 557 -3.21 46.09 -6.29
CA LEU A 557 -1.91 45.96 -5.65
C LEU A 557 -1.16 44.79 -6.29
N PHE A 558 0.16 44.97 -6.41
CA PHE A 558 1.02 43.94 -6.97
C PHE A 558 2.09 43.57 -5.96
N VAL A 559 2.40 42.28 -5.89
CA VAL A 559 3.37 41.75 -4.93
C VAL A 559 4.45 41.01 -5.70
N GLU A 560 5.71 41.26 -5.34
CA GLU A 560 6.83 40.52 -5.91
C GLU A 560 7.98 40.55 -4.91
N LYS A 561 8.68 39.41 -4.80
CA LYS A 561 9.84 39.29 -3.92
C LYS A 561 9.48 39.66 -2.48
N GLY A 562 8.26 39.34 -2.08
CA GLY A 562 7.79 39.72 -0.75
C GLY A 562 7.72 41.21 -0.53
N GLU A 563 7.27 41.96 -1.52
CA GLU A 563 7.18 43.41 -1.41
C GLU A 563 6.05 43.89 -2.30
N ILE A 564 5.27 44.85 -1.79
CA ILE A 564 4.14 45.40 -2.53
C ILE A 564 4.63 46.62 -3.30
N THR A 565 4.42 46.61 -4.62
CA THR A 565 4.76 47.75 -5.48
C THR A 565 3.59 48.01 -6.40
N GLY A 566 2.86 49.10 -6.14
CA GLY A 566 1.74 49.48 -6.96
C GLY A 566 0.51 49.83 -6.15
N ARG A 567 0.01 51.05 -6.34
CA ARG A 567 -1.18 51.52 -5.65
C ARG A 567 -1.95 52.44 -6.59
N GLY A 568 -3.23 52.18 -6.74
CA GLY A 568 -4.07 52.98 -7.59
C GLY A 568 -5.13 52.13 -8.26
N THR A 569 -5.69 52.68 -9.34
CA THR A 569 -6.88 52.11 -9.96
C THR A 569 -6.67 50.72 -10.56
N HIS A 570 -5.88 50.61 -11.64
CA HIS A 570 -5.88 49.38 -12.41
C HIS A 570 -4.78 49.25 -13.48
N HIS A 571 -5.02 48.34 -14.42
CA HIS A 571 -4.16 48.14 -15.57
C HIS A 571 -3.69 49.44 -16.20
N GLU A 572 -4.53 50.49 -16.17
CA GLU A 572 -4.07 51.80 -16.61
C GLU A 572 -2.83 52.24 -15.84
N LEU A 573 -2.74 51.87 -14.57
CA LEU A 573 -1.61 52.31 -13.76
C LEU A 573 -0.47 51.29 -13.78
N MET A 574 -0.76 50.01 -14.03
CA MET A 574 0.38 49.12 -14.21
C MET A 574 1.04 49.35 -15.56
N ALA A 575 0.32 49.99 -16.49
CA ALA A 575 0.93 50.43 -17.74
C ALA A 575 2.05 51.44 -17.53
N SER A 576 2.10 52.10 -16.37
CA SER A 576 3.19 53.00 -16.03
C SER A 576 4.14 52.43 -14.99
N HIS A 577 3.78 51.34 -14.31
CA HIS A 577 4.63 50.74 -13.29
C HIS A 577 5.11 49.36 -13.73
N GLY A 578 4.18 48.47 -14.05
CA GLY A 578 4.52 47.13 -14.43
C GLY A 578 4.42 46.87 -15.92
N LEU A 579 4.74 47.89 -16.73
CA LEU A 579 4.67 47.74 -18.18
C LEU A 579 5.69 46.74 -18.70
N TYR A 580 6.70 46.38 -17.90
CA TYR A 580 7.66 45.37 -18.30
C TYR A 580 7.56 44.11 -17.45
N ARG A 581 7.71 44.22 -16.12
CA ARG A 581 7.74 43.03 -15.27
C ARG A 581 6.35 42.40 -15.12
N ASP A 582 5.37 43.23 -14.74
CA ASP A 582 4.00 42.73 -14.66
C ASP A 582 3.51 42.26 -16.02
N PHE A 583 3.92 42.96 -17.08
CA PHE A 583 3.57 42.52 -18.42
C PHE A 583 4.23 41.21 -18.78
N ALA A 584 5.44 40.94 -18.26
CA ALA A 584 6.11 39.67 -18.53
C ALA A 584 5.39 38.53 -17.83
N GLU A 585 4.98 38.73 -16.57
CA GLU A 585 4.19 37.70 -15.91
C GLU A 585 2.84 37.50 -16.60
N GLN A 586 2.20 38.58 -17.03
CA GLN A 586 0.94 38.44 -17.76
C GLN A 586 1.17 37.75 -19.11
N GLN A 587 2.34 37.96 -19.71
CA GLN A 587 2.70 37.24 -20.93
C GLN A 587 2.81 35.74 -20.67
N LEU A 588 3.45 35.38 -19.56
CA LEU A 588 3.48 33.98 -19.16
C LEU A 588 2.08 33.45 -18.95
N LYS A 589 1.18 34.30 -18.47
CA LYS A 589 -0.21 33.88 -18.27
C LYS A 589 -0.96 33.72 -19.59
N MET A 590 -0.62 34.51 -20.62
CA MET A 590 -1.34 34.41 -21.89
C MET A 590 -1.02 33.11 -22.61
N ASN A 591 0.09 32.48 -22.26
CA ASN A 591 0.56 31.27 -22.95
C ASN A 591 -0.49 30.18 -23.00
N SER B 20 -8.70 -34.78 -12.30
CA SER B 20 -9.04 -34.08 -13.54
C SER B 20 -8.49 -32.66 -13.54
N LYS B 21 -8.70 -31.94 -12.44
CA LYS B 21 -8.24 -30.57 -12.34
C LYS B 21 -6.71 -30.48 -12.18
N LEU B 22 -6.06 -31.60 -11.85
CA LEU B 22 -4.61 -31.61 -11.71
C LEU B 22 -3.89 -31.83 -13.04
N LYS B 23 -4.61 -32.19 -14.10
CA LYS B 23 -3.98 -32.40 -15.39
C LYS B 23 -3.31 -31.16 -15.95
N PRO B 24 -3.93 -29.97 -15.94
CA PRO B 24 -3.18 -28.78 -16.39
C PRO B 24 -1.93 -28.50 -15.58
N PHE B 25 -1.99 -28.71 -14.26
CA PHE B 25 -0.79 -28.50 -13.44
C PHE B 25 0.30 -29.49 -13.80
N PHE B 26 -0.06 -30.76 -14.00
CA PHE B 26 0.93 -31.76 -14.39
C PHE B 26 1.54 -31.42 -15.75
N ALA B 27 0.71 -30.98 -16.70
CA ALA B 27 1.24 -30.61 -18.01
C ALA B 27 2.19 -29.42 -17.91
N LEU B 28 1.81 -28.41 -17.13
CA LEU B 28 2.67 -27.23 -16.98
C LEU B 28 4.00 -27.60 -16.34
N VAL B 29 3.97 -28.46 -15.32
CA VAL B 29 5.22 -28.91 -14.71
C VAL B 29 6.04 -29.71 -15.72
N ARG B 30 5.38 -30.56 -16.51
CA ARG B 30 6.08 -31.35 -17.52
C ARG B 30 6.74 -30.46 -18.57
N ARG B 31 6.17 -29.27 -18.80
CA ARG B 31 6.76 -28.35 -19.77
C ARG B 31 8.20 -27.97 -19.44
N THR B 32 8.62 -28.11 -18.18
CA THR B 32 9.93 -27.68 -17.75
C THR B 32 10.90 -28.84 -17.51
N ASN B 33 10.60 -30.04 -18.04
CA ASN B 33 11.42 -31.23 -17.86
C ASN B 33 11.68 -31.49 -16.38
N PRO B 34 10.67 -31.98 -15.64
CA PRO B 34 10.79 -32.02 -14.17
C PRO B 34 11.90 -32.91 -13.64
N SER B 35 12.37 -33.90 -14.41
CA SER B 35 13.29 -34.92 -13.92
C SER B 35 12.67 -35.67 -12.73
N TYR B 36 11.60 -36.40 -13.05
CA TYR B 36 10.72 -36.97 -12.03
C TYR B 36 11.45 -37.88 -11.06
N GLY B 37 12.56 -38.47 -11.48
CA GLY B 37 13.23 -39.46 -10.62
C GLY B 37 13.72 -38.85 -9.32
N LYS B 38 14.39 -37.70 -9.39
CA LYS B 38 14.91 -37.07 -8.19
C LYS B 38 13.79 -36.61 -7.27
N LEU B 39 12.72 -36.06 -7.84
CA LEU B 39 11.58 -35.63 -7.03
C LEU B 39 10.94 -36.81 -6.31
N ALA B 40 10.75 -37.92 -7.02
CA ALA B 40 10.16 -39.10 -6.41
C ALA B 40 11.06 -39.66 -5.31
N PHE B 41 12.38 -39.67 -5.55
CA PHE B 41 13.31 -40.13 -4.53
C PHE B 41 13.24 -39.23 -3.30
N ALA B 42 13.15 -37.92 -3.49
CA ALA B 42 13.04 -37.00 -2.36
C ALA B 42 11.76 -37.25 -1.56
N LEU B 43 10.65 -37.46 -2.26
CA LEU B 43 9.39 -37.74 -1.57
C LEU B 43 9.47 -39.04 -0.78
N ALA B 44 10.06 -40.08 -1.37
CA ALA B 44 10.21 -41.34 -0.67
C ALA B 44 11.10 -41.19 0.56
N LEU B 45 12.18 -40.41 0.43
CA LEU B 45 13.04 -40.18 1.58
C LEU B 45 12.33 -39.41 2.68
N SER B 46 11.45 -38.46 2.30
CA SER B 46 10.65 -37.77 3.30
C SER B 46 9.73 -38.75 4.04
N VAL B 47 9.13 -39.68 3.30
CA VAL B 47 8.28 -40.69 3.92
C VAL B 47 9.10 -41.54 4.90
N VAL B 48 10.31 -41.92 4.49
CA VAL B 48 11.18 -42.72 5.36
C VAL B 48 11.53 -41.93 6.62
N THR B 49 11.82 -40.64 6.48
CA THR B 49 12.10 -39.80 7.64
C THR B 49 10.90 -39.75 8.58
N THR B 50 9.70 -39.63 8.03
CA THR B 50 8.51 -39.63 8.87
C THR B 50 8.35 -40.95 9.61
N LEU B 51 8.65 -42.06 8.94
CA LEU B 51 8.59 -43.36 9.61
C LEU B 51 9.60 -43.45 10.76
N VAL B 52 10.81 -42.92 10.55
CA VAL B 52 11.80 -42.92 11.62
C VAL B 52 11.33 -42.06 12.79
N SER B 53 10.71 -40.91 12.48
CA SER B 53 10.15 -40.08 13.53
C SER B 53 9.08 -40.82 14.31
N LEU B 54 8.25 -41.61 13.62
CA LEU B 54 7.28 -42.46 14.31
C LEU B 54 7.97 -43.49 15.17
N LEU B 55 9.14 -43.97 14.75
CA LEU B 55 9.84 -45.00 15.50
C LEU B 55 10.41 -44.45 16.80
N ILE B 56 10.82 -43.18 16.80
CA ILE B 56 11.58 -42.64 17.94
C ILE B 56 10.86 -42.81 19.29
N PRO B 57 9.58 -42.43 19.44
CA PRO B 57 8.95 -42.59 20.75
C PRO B 57 8.88 -44.03 21.25
N LEU B 58 8.84 -45.01 20.36
CA LEU B 58 8.90 -46.40 20.80
C LEU B 58 10.23 -46.72 21.46
N LEU B 59 11.33 -46.21 20.89
CA LEU B 59 12.64 -46.37 21.53
C LEU B 59 12.66 -45.66 22.88
N THR B 60 12.04 -44.47 22.96
CA THR B 60 11.98 -43.77 24.24
C THR B 60 11.21 -44.59 25.28
N LYS B 61 10.10 -45.20 24.87
CA LYS B 61 9.34 -46.06 25.76
C LYS B 61 10.17 -47.27 26.20
N GLN B 62 10.93 -47.85 25.28
CA GLN B 62 11.81 -48.96 25.64
C GLN B 62 12.81 -48.53 26.70
N LEU B 63 13.42 -47.36 26.52
CA LEU B 63 14.38 -46.87 27.51
C LEU B 63 13.72 -46.64 28.86
N VAL B 64 12.52 -46.04 28.87
CA VAL B 64 11.84 -45.77 30.12
C VAL B 64 11.50 -47.06 30.85
N ASP B 65 10.99 -48.05 30.11
CA ASP B 65 10.66 -49.33 30.72
C ASP B 65 11.90 -50.07 31.19
N GLY B 66 13.02 -49.94 30.47
CA GLY B 66 14.24 -50.61 30.85
C GLY B 66 15.09 -49.90 31.87
N PHE B 67 14.70 -48.70 32.29
CA PHE B 67 15.47 -48.02 33.33
C PHE B 67 15.29 -48.69 34.69
N SER B 68 15.87 -49.87 34.84
CA SER B 68 16.10 -50.48 36.15
C SER B 68 17.57 -50.71 36.44
N MET B 69 18.40 -50.81 35.40
CA MET B 69 19.85 -50.91 35.52
C MET B 69 20.50 -50.02 34.47
N SER B 70 21.71 -49.55 34.77
CA SER B 70 22.28 -48.37 34.13
C SER B 70 22.87 -48.61 32.74
N ASN B 71 23.52 -49.76 32.50
CA ASN B 71 24.25 -49.93 31.23
C ASN B 71 23.31 -49.94 30.04
N LEU B 72 22.19 -50.67 30.13
CA LEU B 72 21.23 -50.66 29.04
C LEU B 72 20.64 -49.28 28.82
N SER B 73 20.57 -48.46 29.87
CA SER B 73 20.13 -47.08 29.70
C SER B 73 21.10 -46.33 28.79
N GLY B 74 22.40 -46.51 29.00
CA GLY B 74 23.37 -45.87 28.12
C GLY B 74 23.31 -46.40 26.70
N THR B 75 23.15 -47.71 26.55
CA THR B 75 23.05 -48.28 25.20
C THR B 75 21.83 -47.74 24.47
N GLN B 76 20.68 -47.68 25.15
CA GLN B 76 19.48 -47.16 24.51
C GLN B 76 19.57 -45.66 24.23
N ILE B 77 20.26 -44.92 25.10
CA ILE B 77 20.48 -43.50 24.83
C ILE B 77 21.32 -43.32 23.57
N GLY B 78 22.38 -44.14 23.44
CA GLY B 78 23.18 -44.10 22.23
C GLY B 78 22.38 -44.45 20.98
N LEU B 79 21.53 -45.47 21.08
CA LEU B 79 20.68 -45.84 19.94
C LEU B 79 19.72 -44.71 19.59
N ILE B 80 19.13 -44.06 20.59
CA ILE B 80 18.21 -42.96 20.35
C ILE B 80 18.93 -41.80 19.67
N ALA B 81 20.14 -41.49 20.14
CA ALA B 81 20.92 -40.42 19.51
C ALA B 81 21.27 -40.76 18.07
N LEU B 82 21.65 -42.00 17.81
CA LEU B 82 21.97 -42.42 16.45
C LEU B 82 20.74 -42.30 15.55
N VAL B 83 19.57 -42.72 16.04
CA VAL B 83 18.36 -42.62 15.23
C VAL B 83 17.99 -41.16 15.01
N PHE B 84 18.19 -40.31 16.01
CA PHE B 84 17.95 -38.88 15.84
C PHE B 84 18.83 -38.30 14.75
N PHE B 85 20.12 -38.64 14.76
CA PHE B 85 21.03 -38.10 13.75
C PHE B 85 20.69 -38.64 12.37
N VAL B 86 20.33 -39.92 12.27
CA VAL B 86 19.95 -40.48 10.98
C VAL B 86 18.71 -39.78 10.44
N GLN B 87 17.72 -39.55 11.30
CA GLN B 87 16.52 -38.83 10.90
C GLN B 87 16.85 -37.42 10.44
N ALA B 88 17.72 -36.72 11.17
CA ALA B 88 18.08 -35.36 10.81
C ALA B 88 18.76 -35.33 9.44
N GLY B 89 19.71 -36.24 9.21
CA GLY B 89 20.39 -36.26 7.93
C GLY B 89 19.46 -36.60 6.77
N LEU B 90 18.59 -37.59 6.97
CA LEU B 90 17.65 -37.96 5.91
C LEU B 90 16.70 -36.81 5.59
N SER B 91 16.18 -36.15 6.63
CA SER B 91 15.30 -35.01 6.41
C SER B 91 16.03 -33.87 5.71
N ALA B 92 17.28 -33.63 6.08
CA ALA B 92 18.05 -32.56 5.45
C ALA B 92 18.25 -32.83 3.96
N TYR B 93 18.61 -34.08 3.62
CA TYR B 93 18.80 -34.39 2.20
C TYR B 93 17.49 -34.34 1.42
N ALA B 94 16.40 -34.83 2.02
CA ALA B 94 15.12 -34.77 1.35
C ALA B 94 14.69 -33.32 1.11
N THR B 95 14.88 -32.46 2.11
CA THR B 95 14.54 -31.05 1.96
C THR B 95 15.40 -30.40 0.89
N TYR B 96 16.69 -30.70 0.86
CA TYR B 96 17.56 -30.12 -0.16
C TYR B 96 17.13 -30.54 -1.55
N ALA B 97 16.85 -31.84 -1.74
CA ALA B 97 16.43 -32.30 -3.06
C ALA B 97 15.12 -31.66 -3.47
N LEU B 98 14.15 -31.60 -2.56
CA LEU B 98 12.86 -31.00 -2.87
C LEU B 98 13.02 -29.54 -3.27
N ASN B 99 13.76 -28.78 -2.47
CA ASN B 99 13.90 -27.35 -2.73
C ASN B 99 14.68 -27.11 -4.03
N TYR B 100 15.75 -27.86 -4.28
CA TYR B 100 16.50 -27.67 -5.51
C TYR B 100 15.67 -28.00 -6.74
N ASN B 101 14.92 -29.10 -6.70
CA ASN B 101 14.07 -29.44 -7.83
C ASN B 101 12.98 -28.40 -8.02
N GLY B 102 12.42 -27.89 -6.92
CA GLY B 102 11.43 -26.83 -7.04
C GLY B 102 11.99 -25.57 -7.66
N GLN B 103 13.21 -25.20 -7.27
CA GLN B 103 13.84 -24.01 -7.84
C GLN B 103 14.12 -24.21 -9.33
N LYS B 104 14.55 -25.42 -9.72
CA LYS B 104 14.74 -25.69 -11.14
C LYS B 104 13.43 -25.59 -11.91
N ILE B 105 12.35 -26.15 -11.36
CA ILE B 105 11.05 -26.09 -12.02
C ILE B 105 10.60 -24.63 -12.15
N ILE B 106 10.80 -23.84 -11.10
CA ILE B 106 10.39 -22.44 -11.14
C ILE B 106 11.22 -21.66 -12.14
N SER B 107 12.53 -21.95 -12.22
CA SER B 107 13.36 -21.28 -13.21
C SER B 107 12.88 -21.60 -14.62
N GLY B 108 12.57 -22.87 -14.90
CA GLY B 108 12.05 -23.22 -16.21
C GLY B 108 10.73 -22.54 -16.51
N LEU B 109 9.82 -22.52 -15.53
CA LEU B 109 8.53 -21.88 -15.73
C LEU B 109 8.68 -20.38 -15.97
N ARG B 110 9.56 -19.72 -15.20
CA ARG B 110 9.78 -18.30 -15.39
C ARG B 110 10.39 -18.01 -16.75
N GLU B 111 11.34 -18.85 -17.20
CA GLU B 111 11.92 -18.65 -18.51
C GLU B 111 10.87 -18.77 -19.60
N LEU B 112 10.02 -19.80 -19.51
CA LEU B 112 8.96 -19.97 -20.52
C LEU B 112 8.00 -18.79 -20.49
N LEU B 113 7.59 -18.37 -19.30
CA LEU B 113 6.65 -17.27 -19.19
C LEU B 113 7.24 -15.97 -19.74
N TRP B 114 8.50 -15.69 -19.43
CA TRP B 114 9.12 -14.47 -19.91
C TRP B 114 9.31 -14.50 -21.42
N LYS B 115 9.68 -15.65 -21.98
CA LYS B 115 9.78 -15.75 -23.43
C LYS B 115 8.43 -15.48 -24.09
N LYS B 116 7.36 -16.08 -23.54
CA LYS B 116 6.03 -15.84 -24.10
C LYS B 116 5.64 -14.38 -23.97
N LEU B 117 5.92 -13.76 -22.82
CA LEU B 117 5.54 -12.36 -22.61
C LEU B 117 6.27 -11.45 -23.58
N ILE B 118 7.58 -11.64 -23.74
CA ILE B 118 8.34 -10.77 -24.63
C ILE B 118 7.95 -11.02 -26.08
N LYS B 119 7.48 -12.22 -26.40
CA LYS B 119 7.04 -12.51 -27.76
C LYS B 119 5.54 -12.34 -27.95
N LEU B 120 4.78 -11.98 -26.91
CA LEU B 120 3.36 -11.76 -27.06
C LEU B 120 3.10 -10.47 -27.84
N PRO B 121 1.97 -10.39 -28.56
CA PRO B 121 1.71 -9.20 -29.37
C PRO B 121 1.51 -7.96 -28.52
N VAL B 122 1.86 -6.81 -29.10
CA VAL B 122 1.73 -5.54 -28.40
C VAL B 122 0.26 -5.22 -28.13
N SER B 123 -0.63 -5.60 -29.07
CA SER B 123 -2.04 -5.31 -28.91
C SER B 123 -2.61 -5.91 -27.63
N TYR B 124 -2.09 -7.06 -27.22
CA TYR B 124 -2.51 -7.67 -25.96
C TYR B 124 -2.11 -6.80 -24.77
N PHE B 125 -0.92 -6.20 -24.84
CA PHE B 125 -0.36 -5.55 -23.66
C PHE B 125 -1.18 -4.33 -23.24
N ASP B 126 -1.48 -3.44 -24.19
CA ASP B 126 -2.15 -2.19 -23.82
C ASP B 126 -3.60 -2.39 -23.43
N THR B 127 -4.27 -3.37 -24.05
CA THR B 127 -5.69 -3.56 -23.83
C THR B 127 -6.02 -4.40 -22.59
N ASN B 128 -5.04 -5.06 -22.00
CA ASN B 128 -5.31 -5.96 -20.87
C ASN B 128 -4.68 -5.47 -19.57
N ALA B 129 -3.37 -5.29 -19.51
CA ALA B 129 -2.69 -4.89 -18.29
C ALA B 129 -1.20 -4.62 -18.52
N SER B 130 -0.56 -3.92 -17.60
CA SER B 130 0.87 -3.64 -17.68
C SER B 130 1.64 -4.24 -16.51
N GLY B 131 1.21 -3.94 -15.27
CA GLY B 131 1.89 -4.44 -14.10
C GLY B 131 1.34 -5.75 -13.59
N GLU B 132 0.05 -5.98 -13.81
CA GLU B 132 -0.56 -7.24 -13.41
C GLU B 132 0.04 -8.42 -14.16
N THR B 133 0.49 -8.20 -15.39
CA THR B 133 1.15 -9.26 -16.13
C THR B 133 2.46 -9.68 -15.45
N VAL B 134 3.24 -8.71 -14.97
CA VAL B 134 4.44 -9.03 -14.21
C VAL B 134 4.09 -9.67 -12.88
N SER B 135 2.99 -9.23 -12.27
CA SER B 135 2.54 -9.84 -11.02
C SER B 135 2.22 -11.31 -11.23
N ARG B 136 1.60 -11.65 -12.35
CA ARG B 136 1.25 -13.02 -12.69
C ARG B 136 2.42 -13.80 -13.29
N VAL B 137 3.64 -13.31 -13.10
CA VAL B 137 4.86 -14.04 -13.47
C VAL B 137 5.74 -14.10 -12.24
N THR B 138 5.54 -13.16 -11.31
CA THR B 138 6.36 -13.15 -10.11
C THR B 138 5.68 -13.80 -8.90
N ASN B 139 4.36 -13.69 -8.75
CA ASN B 139 3.65 -14.20 -7.58
C ASN B 139 3.14 -15.62 -7.79
N ASP B 140 2.58 -15.90 -8.97
CA ASP B 140 2.11 -17.25 -9.25
C ASP B 140 3.24 -18.26 -9.29
N THR B 141 4.42 -17.85 -9.76
CA THR B 141 5.58 -18.74 -9.71
C THR B 141 5.95 -19.07 -8.27
N MET B 142 5.91 -18.07 -7.39
CA MET B 142 6.18 -18.33 -5.98
C MET B 142 5.14 -19.27 -5.38
N VAL B 143 3.88 -19.09 -5.75
CA VAL B 143 2.82 -19.97 -5.24
C VAL B 143 3.04 -21.40 -5.72
N VAL B 144 3.38 -21.57 -6.99
CA VAL B 144 3.63 -22.91 -7.52
C VAL B 144 4.84 -23.53 -6.85
N LYS B 145 5.86 -22.72 -6.57
CA LYS B 145 7.01 -23.21 -5.82
C LYS B 145 6.60 -23.69 -4.44
N GLU B 146 5.76 -22.92 -3.74
CA GLU B 146 5.30 -23.32 -2.43
C GLU B 146 4.52 -24.63 -2.50
N LEU B 147 3.74 -24.82 -3.56
CA LEU B 147 3.00 -26.06 -3.72
C LEU B 147 3.93 -27.24 -4.02
N ILE B 148 4.98 -27.00 -4.81
CA ILE B 148 5.81 -28.12 -5.27
C ILE B 148 6.79 -28.55 -4.19
N THR B 149 7.58 -27.61 -3.66
CA THR B 149 8.65 -27.95 -2.74
C THR B 149 8.16 -28.29 -1.33
N THR B 150 7.12 -27.63 -0.85
CA THR B 150 6.75 -27.73 0.56
C THR B 150 5.39 -28.39 0.78
N HIS B 151 4.34 -27.91 0.12
CA HIS B 151 3.00 -28.26 0.55
C HIS B 151 2.61 -29.68 0.15
N ILE B 152 3.05 -30.17 -1.01
CA ILE B 152 2.73 -31.53 -1.39
C ILE B 152 3.45 -32.52 -0.47
N SER B 153 4.76 -32.33 -0.29
CA SER B 153 5.51 -33.17 0.64
C SER B 153 5.02 -33.00 2.06
N GLY B 154 4.68 -31.76 2.45
CA GLY B 154 4.15 -31.53 3.77
C GLY B 154 2.85 -32.28 4.02
N PHE B 155 1.96 -32.27 3.03
CA PHE B 155 0.70 -33.01 3.16
C PHE B 155 0.94 -34.51 3.23
N ILE B 156 1.83 -35.03 2.39
CA ILE B 156 2.11 -36.46 2.41
C ILE B 156 2.67 -36.87 3.77
N THR B 157 3.65 -36.12 4.27
CA THR B 157 4.26 -36.44 5.55
C THR B 157 3.28 -36.24 6.71
N GLY B 158 2.39 -35.25 6.62
CA GLY B 158 1.40 -35.06 7.67
C GLY B 158 0.39 -36.19 7.71
N ILE B 159 -0.07 -36.63 6.54
CA ILE B 159 -1.00 -37.77 6.50
C ILE B 159 -0.32 -39.01 7.06
N ILE B 160 0.93 -39.27 6.66
CA ILE B 160 1.63 -40.44 7.17
C ILE B 160 1.78 -40.35 8.68
N SER B 161 2.19 -39.18 9.19
CA SER B 161 2.38 -39.02 10.63
C SER B 161 1.07 -39.24 11.39
N VAL B 162 -0.03 -38.64 10.92
CA VAL B 162 -1.29 -38.73 11.64
C VAL B 162 -1.78 -40.18 11.65
N ILE B 163 -1.80 -40.82 10.48
CA ILE B 163 -2.31 -42.19 10.41
C ILE B 163 -1.45 -43.14 11.23
N GLY B 164 -0.13 -43.02 11.09
CA GLY B 164 0.76 -43.90 11.82
C GLY B 164 0.67 -43.71 13.32
N SER B 165 0.56 -42.45 13.77
CA SER B 165 0.43 -42.20 15.20
C SER B 165 -0.88 -42.74 15.75
N LEU B 166 -1.99 -42.56 15.01
CA LEU B 166 -3.25 -43.13 15.47
C LEU B 166 -3.18 -44.64 15.55
N THR B 167 -2.59 -45.28 14.53
CA THR B 167 -2.47 -46.74 14.54
C THR B 167 -1.61 -47.22 15.70
N ILE B 168 -0.47 -46.56 15.93
CA ILE B 168 0.44 -46.99 16.99
C ILE B 168 -0.22 -46.80 18.35
N LEU B 169 -0.94 -45.69 18.53
CA LEU B 169 -1.65 -45.48 19.78
C LEU B 169 -2.77 -46.49 19.98
N PHE B 170 -3.41 -46.93 18.89
CA PHE B 170 -4.41 -47.99 19.02
C PHE B 170 -3.78 -49.30 19.44
N ILE B 171 -2.61 -49.63 18.89
CA ILE B 171 -1.91 -50.85 19.30
C ILE B 171 -1.23 -50.70 20.65
N MET B 172 -1.12 -49.49 21.18
CA MET B 172 -0.45 -49.25 22.45
C MET B 172 -1.41 -49.09 23.61
N ASN B 173 -2.37 -48.17 23.53
CA ASN B 173 -3.30 -47.92 24.62
C ASN B 173 -4.71 -48.42 24.34
N TRP B 174 -5.03 -48.73 23.09
CA TRP B 174 -6.28 -49.40 22.68
C TRP B 174 -7.46 -48.49 23.04
N LYS B 175 -8.56 -49.06 23.55
CA LYS B 175 -9.82 -48.33 23.66
C LYS B 175 -9.70 -47.13 24.60
N LEU B 176 -9.09 -47.34 25.76
CA LEU B 176 -9.26 -46.39 26.87
C LEU B 176 -8.73 -45.01 26.52
N THR B 177 -7.42 -44.90 26.25
CA THR B 177 -6.81 -43.58 26.11
C THR B 177 -7.11 -42.97 24.74
N LEU B 178 -7.06 -43.76 23.68
CA LEU B 178 -7.11 -43.17 22.34
C LEU B 178 -8.54 -42.76 21.97
N LEU B 179 -9.55 -43.44 22.53
CA LEU B 179 -10.92 -43.03 22.23
C LEU B 179 -11.21 -41.65 22.80
N VAL B 180 -10.82 -41.40 24.05
CA VAL B 180 -10.98 -40.06 24.61
C VAL B 180 -10.07 -39.08 23.87
N LEU B 181 -8.89 -39.56 23.45
CA LEU B 181 -7.99 -38.76 22.63
C LEU B 181 -8.69 -38.21 21.39
N VAL B 182 -9.39 -39.08 20.66
CA VAL B 182 -10.09 -38.64 19.45
C VAL B 182 -11.31 -37.80 19.82
N VAL B 183 -12.00 -38.18 20.89
CA VAL B 183 -13.25 -37.51 21.25
C VAL B 183 -13.01 -36.06 21.65
N VAL B 184 -11.89 -35.77 22.31
CA VAL B 184 -11.66 -34.43 22.83
C VAL B 184 -11.54 -33.37 21.74
N PRO B 185 -10.74 -33.54 20.68
CA PRO B 185 -10.69 -32.51 19.62
C PRO B 185 -12.00 -32.34 18.88
N LEU B 186 -13.06 -33.06 19.24
CA LEU B 186 -14.40 -32.62 18.87
C LEU B 186 -14.76 -31.29 19.56
N ALA B 187 -13.98 -30.88 20.56
CA ALA B 187 -14.06 -29.53 21.09
C ALA B 187 -13.70 -28.47 20.06
N ALA B 188 -13.26 -28.88 18.86
CA ALA B 188 -13.17 -27.95 17.75
C ALA B 188 -14.54 -27.37 17.39
N LEU B 189 -15.61 -28.16 17.53
CA LEU B 189 -16.96 -27.66 17.32
C LEU B 189 -17.37 -26.64 18.38
N ILE B 190 -16.62 -26.53 19.47
CA ILE B 190 -16.82 -25.47 20.45
C ILE B 190 -15.89 -24.29 20.22
N LEU B 191 -14.64 -24.53 19.85
CA LEU B 191 -13.65 -23.48 19.62
C LEU B 191 -13.87 -22.69 18.34
N VAL B 192 -14.05 -23.39 17.21
CA VAL B 192 -14.00 -22.71 15.91
C VAL B 192 -15.12 -21.68 15.73
N PRO B 193 -16.39 -21.98 16.04
CA PRO B 193 -17.40 -20.90 15.94
C PRO B 193 -17.06 -19.69 16.78
N ILE B 194 -16.50 -19.92 17.97
CA ILE B 194 -16.10 -18.82 18.84
C ILE B 194 -15.01 -17.99 18.18
N GLY B 195 -14.02 -18.66 17.58
CA GLY B 195 -12.96 -17.94 16.89
C GLY B 195 -13.48 -17.14 15.71
N ARG B 196 -14.45 -17.69 14.97
CA ARG B 196 -15.00 -16.98 13.83
C ARG B 196 -15.82 -15.77 14.28
N LYS B 197 -16.54 -15.89 15.40
CA LYS B 197 -17.25 -14.74 15.94
C LYS B 197 -16.26 -13.66 16.39
N MET B 198 -15.16 -14.08 17.02
CA MET B 198 -14.09 -13.14 17.36
C MET B 198 -13.58 -12.42 16.11
N PHE B 199 -13.34 -13.16 15.04
CA PHE B 199 -12.83 -12.55 13.82
C PHE B 199 -13.84 -11.57 13.24
N SER B 200 -15.12 -11.92 13.25
CA SER B 200 -16.14 -11.03 12.72
C SER B 200 -16.23 -9.73 13.53
N ILE B 201 -16.21 -9.84 14.87
CA ILE B 201 -16.27 -8.63 15.69
C ILE B 201 -15.03 -7.77 15.47
N SER B 202 -13.86 -8.40 15.38
CA SER B 202 -12.64 -7.65 15.12
C SER B 202 -12.71 -6.93 13.77
N ARG B 203 -13.24 -7.60 12.74
CA ARG B 203 -13.38 -6.96 11.44
C ARG B 203 -14.34 -5.78 11.49
N GLU B 204 -15.45 -5.92 12.22
CA GLU B 204 -16.38 -4.80 12.34
C GLU B 204 -15.73 -3.62 13.05
N THR B 205 -14.98 -3.88 14.11
CA THR B 205 -14.29 -2.80 14.81
C THR B 205 -13.26 -2.13 13.92
N GLN B 206 -12.53 -2.94 13.13
CA GLN B 206 -11.54 -2.37 12.21
C GLN B 206 -12.21 -1.51 11.15
N ASP B 207 -13.35 -1.95 10.64
CA ASP B 207 -14.08 -1.13 9.67
C ASP B 207 -14.53 0.18 10.28
N GLU B 208 -15.03 0.14 11.53
CA GLU B 208 -15.44 1.36 12.20
C GLU B 208 -14.28 2.32 12.40
N THR B 209 -13.13 1.81 12.84
CA THR B 209 -11.98 2.69 13.03
C THR B 209 -11.48 3.25 11.71
N ALA B 210 -11.59 2.45 10.63
CA ALA B 210 -11.23 2.97 9.32
C ALA B 210 -12.16 4.10 8.89
N ARG B 211 -13.45 3.96 9.16
CA ARG B 211 -14.40 5.02 8.84
C ARG B 211 -14.10 6.28 9.65
N PHE B 212 -13.78 6.12 10.94
CA PHE B 212 -13.45 7.28 11.77
C PHE B 212 -12.18 7.97 11.27
N THR B 213 -11.16 7.19 10.91
CA THR B 213 -9.93 7.76 10.37
C THR B 213 -10.21 8.51 9.08
N GLY B 214 -11.06 7.94 8.21
CA GLY B 214 -11.44 8.65 6.99
C GLY B 214 -12.17 9.95 7.28
N LEU B 215 -13.06 9.94 8.27
CA LEU B 215 -13.77 11.17 8.63
C LEU B 215 -12.80 12.24 9.10
N LEU B 216 -11.83 11.87 9.94
CA LEU B 216 -10.85 12.83 10.40
C LEU B 216 -9.98 13.34 9.25
N ASN B 217 -9.56 12.44 8.36
CA ASN B 217 -8.74 12.82 7.22
C ASN B 217 -9.51 13.66 6.22
N GLN B 218 -10.84 13.61 6.26
CA GLN B 218 -11.66 14.51 5.46
C GLN B 218 -11.84 15.86 6.13
N ILE B 219 -11.96 15.87 7.46
CA ILE B 219 -12.19 17.12 8.17
C ILE B 219 -10.93 17.99 8.16
N LEU B 220 -9.77 17.39 8.45
CA LEU B 220 -8.58 18.18 8.74
C LEU B 220 -8.13 19.07 7.59
N PRO B 221 -8.06 18.62 6.34
CA PRO B 221 -7.57 19.51 5.27
C PRO B 221 -8.41 20.76 5.08
N GLU B 222 -9.68 20.72 5.48
CA GLU B 222 -10.56 21.90 5.38
C GLU B 222 -10.50 22.77 6.63
N ILE B 223 -9.38 22.73 7.36
CA ILE B 223 -9.30 23.47 8.62
C ILE B 223 -9.36 24.97 8.39
N ARG B 224 -8.88 25.44 7.22
CA ARG B 224 -8.96 26.86 6.93
C ARG B 224 -10.41 27.32 6.89
N LEU B 225 -11.27 26.58 6.17
CA LEU B 225 -12.69 26.90 6.15
C LEU B 225 -13.32 26.70 7.52
N VAL B 226 -12.91 25.66 8.24
CA VAL B 226 -13.50 25.36 9.55
C VAL B 226 -13.27 26.53 10.50
N LYS B 227 -12.05 27.05 10.55
CA LYS B 227 -11.75 28.16 11.43
C LYS B 227 -12.33 29.47 10.90
N ALA B 228 -12.30 29.67 9.58
CA ALA B 228 -12.84 30.91 9.01
C ALA B 228 -14.33 31.04 9.30
N SER B 229 -15.07 29.94 9.19
CA SER B 229 -16.49 29.94 9.55
C SER B 229 -16.70 29.84 11.05
N ASN B 230 -15.66 29.56 11.82
CA ASN B 230 -15.73 29.45 13.28
C ASN B 230 -16.75 28.39 13.70
N ALA B 231 -16.46 27.15 13.32
CA ALA B 231 -17.28 26.00 13.69
C ALA B 231 -16.42 24.94 14.38
N GLU B 232 -15.47 25.37 15.21
CA GLU B 232 -14.64 24.42 15.94
C GLU B 232 -15.49 23.55 16.85
N ASP B 233 -16.50 24.14 17.49
CA ASP B 233 -17.38 23.37 18.36
C ASP B 233 -18.16 22.33 17.57
N VAL B 234 -18.63 22.68 16.38
CA VAL B 234 -19.41 21.73 15.57
C VAL B 234 -18.53 20.55 15.15
N GLU B 235 -17.31 20.83 14.70
CA GLU B 235 -16.43 19.74 14.28
C GLU B 235 -15.97 18.91 15.46
N TYR B 236 -15.76 19.54 16.61
CA TYR B 236 -15.43 18.79 17.82
C TYR B 236 -16.59 17.87 18.21
N GLY B 237 -17.83 18.36 18.06
CA GLY B 237 -18.98 17.52 18.34
C GLY B 237 -19.09 16.34 17.39
N ARG B 238 -18.83 16.57 16.10
CA ARG B 238 -18.87 15.47 15.14
C ARG B 238 -17.78 14.44 15.44
N GLY B 239 -16.58 14.91 15.78
CA GLY B 239 -15.53 13.98 16.17
C GLY B 239 -15.87 13.23 17.44
N LYS B 240 -16.54 13.90 18.38
CA LYS B 240 -16.98 13.23 19.61
C LYS B 240 -18.01 12.16 19.31
N MET B 241 -18.92 12.43 18.36
CA MET B 241 -19.87 11.40 17.95
C MET B 241 -19.16 10.22 17.31
N GLY B 242 -18.15 10.50 16.47
CA GLY B 242 -17.40 9.41 15.87
C GLY B 242 -16.68 8.54 16.89
N ILE B 243 -16.01 9.18 17.85
CA ILE B 243 -15.32 8.42 18.87
C ILE B 243 -16.29 7.77 19.85
N SER B 244 -17.51 8.30 19.98
CA SER B 244 -18.52 7.61 20.78
C SER B 244 -19.00 6.35 20.10
N SER B 245 -19.18 6.39 18.78
CA SER B 245 -19.47 5.17 18.03
C SER B 245 -18.33 4.16 18.17
N LEU B 246 -17.08 4.65 18.09
CA LEU B 246 -15.93 3.78 18.31
C LEU B 246 -15.95 3.18 19.71
N PHE B 247 -16.35 3.98 20.71
CA PHE B 247 -16.43 3.50 22.08
C PHE B 247 -17.51 2.43 22.23
N LYS B 248 -18.65 2.60 21.58
CA LYS B 248 -19.69 1.58 21.61
C LYS B 248 -19.20 0.28 20.98
N LEU B 249 -18.52 0.38 19.82
CA LEU B 249 -17.96 -0.81 19.21
C LEU B 249 -16.93 -1.46 20.12
N GLY B 250 -16.10 -0.66 20.78
CA GLY B 250 -15.11 -1.21 21.69
C GLY B 250 -15.74 -1.92 22.88
N VAL B 251 -16.82 -1.36 23.41
CA VAL B 251 -17.50 -1.99 24.54
C VAL B 251 -18.13 -3.31 24.12
N ARG B 252 -18.78 -3.35 22.96
CA ARG B 252 -19.34 -4.61 22.48
C ARG B 252 -18.25 -5.64 22.26
N GLU B 253 -17.13 -5.22 21.66
CA GLU B 253 -16.01 -6.14 21.46
C GLU B 253 -15.44 -6.60 22.79
N ALA B 254 -15.42 -5.72 23.79
CA ALA B 254 -14.92 -6.09 25.11
C ALA B 254 -15.78 -7.18 25.73
N LYS B 255 -17.11 -7.00 25.67
CA LYS B 255 -18.00 -8.03 26.21
C LYS B 255 -17.83 -9.35 25.47
N VAL B 256 -17.81 -9.29 24.14
CA VAL B 256 -17.75 -10.52 23.35
C VAL B 256 -16.42 -11.23 23.57
N GLN B 257 -15.34 -10.47 23.73
CA GLN B 257 -14.04 -11.07 24.02
C GLN B 257 -13.99 -11.63 25.43
N SER B 258 -14.67 -11.00 26.38
CA SER B 258 -14.68 -11.51 27.74
C SER B 258 -15.48 -12.79 27.86
N LEU B 259 -16.44 -13.01 26.96
CA LEU B 259 -17.13 -14.29 26.90
C LEU B 259 -16.45 -15.28 25.96
N VAL B 260 -15.19 -15.03 25.60
CA VAL B 260 -14.48 -15.89 24.65
C VAL B 260 -13.15 -16.36 25.21
N GLY B 261 -12.29 -15.42 25.60
CA GLY B 261 -10.94 -15.72 26.03
C GLY B 261 -10.86 -16.75 27.14
N PRO B 262 -11.54 -16.47 28.25
CA PRO B 262 -11.61 -17.48 29.31
C PRO B 262 -12.24 -18.77 28.85
N LEU B 263 -13.21 -18.72 27.94
CA LEU B 263 -13.79 -19.96 27.43
C LEU B 263 -12.77 -20.76 26.63
N ILE B 264 -11.97 -20.09 25.80
CA ILE B 264 -10.94 -20.79 25.04
C ILE B 264 -9.93 -21.43 25.98
N SER B 265 -9.48 -20.65 26.99
CA SER B 265 -8.52 -21.20 27.94
C SER B 265 -9.11 -22.37 28.71
N LEU B 266 -10.37 -22.25 29.13
CA LEU B 266 -11.03 -23.32 29.88
C LEU B 266 -11.15 -24.59 29.05
N VAL B 267 -11.58 -24.46 27.80
CA VAL B 267 -11.75 -25.64 26.96
C VAL B 267 -10.41 -26.30 26.68
N LEU B 268 -9.39 -25.50 26.34
CA LEU B 268 -8.07 -26.09 26.05
C LEU B 268 -7.50 -26.78 27.28
N MET B 269 -7.59 -26.14 28.45
CA MET B 269 -7.02 -26.73 29.64
C MET B 269 -7.82 -27.93 30.13
N ALA B 270 -9.14 -27.91 29.96
CA ALA B 270 -9.93 -29.09 30.29
C ALA B 270 -9.59 -30.25 29.37
N ALA B 271 -9.38 -29.97 28.09
CA ALA B 271 -8.92 -31.01 27.16
C ALA B 271 -7.59 -31.60 27.62
N LEU B 272 -6.62 -30.74 27.91
CA LEU B 272 -5.30 -31.20 28.30
C LEU B 272 -5.37 -32.00 29.59
N VAL B 273 -6.14 -31.50 30.57
CA VAL B 273 -6.26 -32.17 31.85
C VAL B 273 -6.91 -33.53 31.67
N ALA B 274 -8.00 -33.59 30.91
CA ALA B 274 -8.68 -34.86 30.69
C ALA B 274 -7.72 -35.88 30.09
N VAL B 275 -7.06 -35.52 28.98
CA VAL B 275 -6.20 -36.49 28.30
C VAL B 275 -5.05 -36.93 29.19
N ILE B 276 -4.23 -35.97 29.65
CA ILE B 276 -3.02 -36.33 30.37
C ILE B 276 -3.33 -36.90 31.76
N GLY B 277 -4.34 -36.38 32.45
CA GLY B 277 -4.76 -36.98 33.70
C GLY B 277 -5.28 -38.38 33.54
N TYR B 278 -5.99 -38.68 32.45
CA TYR B 278 -6.39 -40.06 32.20
C TYR B 278 -5.18 -40.95 31.97
N GLY B 279 -4.19 -40.44 31.22
CA GLY B 279 -2.98 -41.21 31.01
C GLY B 279 -2.26 -41.52 32.31
N GLY B 280 -2.06 -40.51 33.15
CA GLY B 280 -1.45 -40.72 34.43
C GLY B 280 -2.28 -41.59 35.36
N MET B 281 -3.60 -41.49 35.25
CA MET B 281 -4.51 -42.30 36.03
C MET B 281 -4.35 -43.78 35.68
N GLN B 282 -4.25 -44.08 34.39
CA GLN B 282 -3.97 -45.44 33.97
C GLN B 282 -2.60 -45.91 34.43
N VAL B 283 -1.61 -45.01 34.37
CA VAL B 283 -0.26 -45.37 34.80
C VAL B 283 -0.26 -45.74 36.30
N SER B 284 -0.94 -44.94 37.12
CA SER B 284 -0.91 -45.17 38.56
C SER B 284 -1.69 -46.41 38.96
N SER B 285 -2.82 -46.68 38.30
CA SER B 285 -3.70 -47.75 38.73
C SER B 285 -3.02 -49.11 38.64
N GLY B 286 -2.33 -49.36 37.53
CA GLY B 286 -1.76 -50.66 37.29
C GLY B 286 -2.18 -51.22 35.95
N GLU B 287 -3.21 -50.54 35.40
CA GLU B 287 -3.65 -50.89 34.04
C GLU B 287 -2.43 -50.66 33.18
N LEU B 288 -2.26 -51.48 32.16
CA LEU B 288 -1.00 -51.36 31.39
C LEU B 288 -0.81 -49.95 30.86
N THR B 289 0.28 -49.32 31.29
CA THR B 289 0.64 -47.99 30.73
C THR B 289 2.12 -47.84 31.10
N ALA B 290 2.58 -48.64 32.07
CA ALA B 290 3.99 -48.58 32.47
C ALA B 290 4.49 -47.15 32.27
N GLY B 291 5.60 -46.95 31.56
CA GLY B 291 6.07 -45.62 31.24
C GLY B 291 5.75 -45.21 29.83
N ALA B 292 4.81 -45.91 29.19
CA ALA B 292 4.39 -45.58 27.83
C ALA B 292 3.61 -44.29 27.74
N LEU B 293 3.28 -43.67 28.87
CA LEU B 293 2.72 -42.32 28.85
C LEU B 293 3.68 -41.36 28.16
N VAL B 294 4.99 -41.60 28.27
CA VAL B 294 5.97 -40.77 27.57
C VAL B 294 5.78 -40.90 26.06
N ALA B 295 5.66 -42.13 25.58
CA ALA B 295 5.42 -42.33 24.15
C ALA B 295 4.10 -41.72 23.72
N PHE B 296 3.07 -41.82 24.58
CA PHE B 296 1.79 -41.22 24.27
C PHE B 296 1.90 -39.70 24.11
N ILE B 297 2.64 -39.05 25.01
CA ILE B 297 2.81 -37.60 24.92
C ILE B 297 3.59 -37.23 23.66
N LEU B 298 4.65 -37.98 23.36
CA LEU B 298 5.41 -37.68 22.15
C LEU B 298 4.55 -37.88 20.90
N TYR B 299 3.66 -38.87 20.92
CA TYR B 299 2.77 -39.08 19.80
C TYR B 299 1.73 -37.98 19.69
N LEU B 300 1.27 -37.44 20.83
CA LEU B 300 0.41 -36.27 20.78
C LEU B 300 1.13 -35.10 20.13
N PHE B 301 2.40 -34.91 20.47
CA PHE B 301 3.18 -33.83 19.87
C PHE B 301 3.40 -34.04 18.38
N GLN B 302 3.56 -35.28 17.94
CA GLN B 302 3.67 -35.55 16.52
C GLN B 302 2.32 -35.55 15.81
N ILE B 303 1.22 -35.61 16.55
CA ILE B 303 -0.11 -35.59 15.95
C ILE B 303 -0.60 -34.16 15.73
N ILE B 304 -0.41 -33.29 16.72
CA ILE B 304 -1.04 -31.97 16.67
C ILE B 304 -0.35 -31.08 15.63
N MET B 305 0.97 -31.17 15.50
CA MET B 305 1.68 -30.30 14.56
C MET B 305 1.21 -30.44 13.12
N PRO B 306 1.12 -31.63 12.52
CA PRO B 306 0.84 -31.69 11.08
C PRO B 306 -0.58 -31.33 10.68
N MET B 307 -1.49 -31.11 11.63
CA MET B 307 -2.83 -30.66 11.27
C MET B 307 -2.77 -29.29 10.59
N GLY B 308 -1.94 -28.40 11.13
CA GLY B 308 -1.75 -27.11 10.48
C GLY B 308 -1.17 -27.24 9.09
N GLN B 309 -0.22 -28.17 8.91
CA GLN B 309 0.35 -28.40 7.60
C GLN B 309 -0.71 -28.88 6.61
N ILE B 310 -1.58 -29.78 7.06
CA ILE B 310 -2.63 -30.30 6.17
C ILE B 310 -3.59 -29.19 5.78
N THR B 311 -4.04 -28.38 6.74
CA THR B 311 -4.96 -27.29 6.42
C THR B 311 -4.31 -26.27 5.49
N THR B 312 -3.05 -25.92 5.76
CA THR B 312 -2.32 -25.01 4.89
C THR B 312 -2.18 -25.60 3.50
N PHE B 313 -1.93 -26.91 3.40
CA PHE B 313 -1.84 -27.53 2.09
C PHE B 313 -3.15 -27.42 1.33
N PHE B 314 -4.28 -27.61 2.01
CA PHE B 314 -5.56 -27.51 1.32
C PHE B 314 -5.80 -26.09 0.81
N THR B 315 -5.56 -25.10 1.66
CA THR B 315 -5.78 -23.71 1.22
C THR B 315 -4.83 -23.32 0.10
N GLN B 316 -3.56 -23.76 0.18
CA GLN B 316 -2.61 -23.43 -0.87
C GLN B 316 -2.88 -24.24 -2.14
N LEU B 317 -3.47 -25.42 -2.01
CA LEU B 317 -3.90 -26.15 -3.20
C LEU B 317 -5.00 -25.39 -3.92
N GLN B 318 -5.96 -24.85 -3.17
CA GLN B 318 -6.98 -24.01 -3.80
C GLN B 318 -6.34 -22.81 -4.51
N LYS B 319 -5.45 -22.10 -3.81
CA LYS B 319 -4.83 -20.92 -4.41
C LYS B 319 -4.00 -21.28 -5.64
N SER B 320 -3.23 -22.38 -5.58
CA SER B 320 -2.36 -22.74 -6.69
C SER B 320 -3.16 -23.25 -7.87
N ILE B 321 -4.26 -23.98 -7.62
CA ILE B 321 -5.11 -24.41 -8.71
C ILE B 321 -5.82 -23.22 -9.33
N GLY B 322 -6.02 -22.14 -8.57
CA GLY B 322 -6.49 -20.90 -9.18
C GLY B 322 -5.42 -20.22 -10.03
N ALA B 323 -4.18 -20.22 -9.55
CA ALA B 323 -3.11 -19.48 -10.22
C ALA B 323 -2.59 -20.19 -11.46
N THR B 324 -2.61 -21.52 -11.49
CA THR B 324 -2.09 -22.26 -12.63
C THR B 324 -2.91 -21.98 -13.88
N GLU B 325 -4.21 -21.73 -13.72
CA GLU B 325 -5.04 -21.36 -14.86
C GLU B 325 -4.58 -20.03 -15.45
N ARG B 326 -4.23 -19.06 -14.59
CA ARG B 326 -3.70 -17.79 -15.08
C ARG B 326 -2.36 -18.00 -15.78
N MET B 327 -1.51 -18.87 -15.22
CA MET B 327 -0.25 -19.21 -15.90
C MET B 327 -0.51 -19.72 -17.31
N ILE B 328 -1.39 -20.71 -17.44
CA ILE B 328 -1.62 -21.33 -18.73
C ILE B 328 -2.25 -20.33 -19.70
N GLU B 329 -3.16 -19.49 -19.20
CA GLU B 329 -3.76 -18.47 -20.05
C GLU B 329 -2.72 -17.50 -20.59
N ILE B 330 -1.75 -17.11 -19.74
CA ILE B 330 -0.64 -16.31 -20.23
C ILE B 330 0.16 -17.08 -21.28
N LEU B 331 0.42 -18.35 -21.02
CA LEU B 331 1.19 -19.18 -21.94
C LEU B 331 0.38 -19.64 -23.15
N ALA B 332 -0.95 -19.56 -23.08
CA ALA B 332 -1.78 -20.05 -24.17
C ALA B 332 -1.64 -19.18 -25.41
N GLU B 333 -1.57 -17.87 -25.25
CA GLU B 333 -1.53 -16.97 -26.39
C GLU B 333 -0.23 -17.13 -27.16
N GLU B 334 -0.26 -16.72 -28.42
CA GLU B 334 0.87 -16.92 -29.32
C GLU B 334 1.02 -15.71 -30.24
N GLU B 335 2.21 -15.59 -30.82
CA GLU B 335 2.50 -14.53 -31.77
C GLU B 335 3.68 -14.95 -32.63
N GLU B 336 3.85 -14.26 -33.76
CA GLU B 336 4.90 -14.59 -34.71
C GLU B 336 5.53 -13.30 -35.23
N ASP B 337 6.73 -13.45 -35.79
CA ASP B 337 7.47 -12.33 -36.35
C ASP B 337 8.03 -12.56 -37.75
N THR B 338 8.17 -13.82 -38.19
CA THR B 338 8.71 -14.10 -39.51
C THR B 338 8.02 -15.25 -40.23
N VAL B 339 6.94 -15.81 -39.67
CA VAL B 339 6.25 -16.92 -40.32
C VAL B 339 5.61 -16.49 -41.64
N THR B 340 5.23 -15.21 -41.75
CA THR B 340 4.53 -14.75 -42.94
C THR B 340 5.36 -14.92 -44.20
N GLY B 341 6.64 -14.58 -44.15
CA GLY B 341 7.50 -14.75 -45.30
C GLY B 341 8.80 -13.98 -45.12
N LYS B 342 9.57 -13.93 -46.21
CA LYS B 342 10.81 -13.16 -46.25
C LYS B 342 11.01 -12.70 -47.70
N GLN B 343 10.50 -11.50 -48.00
CA GLN B 343 10.52 -10.98 -49.37
C GLN B 343 10.78 -9.48 -49.40
N ILE B 344 11.75 -9.01 -48.60
CA ILE B 344 12.09 -7.59 -48.58
C ILE B 344 13.40 -7.40 -49.35
N GLU B 345 13.40 -6.46 -50.29
CA GLU B 345 14.61 -6.17 -51.07
C GLU B 345 14.96 -4.69 -51.10
N ASN B 346 13.97 -3.80 -51.14
CA ASN B 346 14.24 -2.37 -51.21
C ASN B 346 13.47 -1.55 -50.18
N ALA B 347 12.21 -1.91 -49.91
CA ALA B 347 11.36 -1.19 -48.96
C ALA B 347 11.21 0.29 -49.31
N HIS B 348 11.37 0.63 -50.59
CA HIS B 348 11.26 2.01 -51.06
C HIS B 348 10.19 2.04 -52.16
N LEU B 349 8.96 2.36 -51.75
CA LEU B 349 7.83 2.41 -52.68
C LEU B 349 6.74 3.24 -52.03
N PRO B 350 5.97 3.99 -52.81
CA PRO B 350 4.88 4.79 -52.23
C PRO B 350 3.91 3.91 -51.44
N ILE B 351 3.43 4.45 -50.33
CA ILE B 351 2.56 3.75 -49.40
C ILE B 351 1.12 4.14 -49.68
N GLN B 352 0.23 3.15 -49.75
CA GLN B 352 -1.17 3.37 -50.05
C GLN B 352 -2.04 2.62 -49.05
N LEU B 353 -3.15 3.23 -48.66
CA LEU B 353 -4.16 2.60 -47.82
C LEU B 353 -5.35 2.20 -48.69
N ASP B 354 -5.78 0.95 -48.57
CA ASP B 354 -6.83 0.40 -49.43
C ASP B 354 -7.98 -0.10 -48.57
N ARG B 355 -8.99 0.75 -48.39
CA ARG B 355 -10.23 0.38 -47.68
C ARG B 355 -9.94 -0.18 -46.30
N VAL B 356 -8.98 0.43 -45.61
CA VAL B 356 -8.56 -0.05 -44.30
C VAL B 356 -9.69 0.18 -43.30
N SER B 357 -10.24 -0.91 -42.75
CA SER B 357 -11.31 -0.83 -41.76
C SER B 357 -11.13 -1.95 -40.74
N PHE B 358 -10.39 -1.66 -39.67
CA PHE B 358 -10.32 -2.55 -38.52
C PHE B 358 -9.82 -1.76 -37.32
N GLY B 359 -10.32 -2.10 -36.14
CA GLY B 359 -9.86 -1.48 -34.92
C GLY B 359 -9.35 -2.50 -33.92
N TYR B 360 -9.91 -2.48 -32.71
CA TYR B 360 -9.56 -3.44 -31.68
C TYR B 360 -10.47 -4.66 -31.68
N LYS B 361 -11.76 -4.48 -31.91
CA LYS B 361 -12.72 -5.58 -32.00
C LYS B 361 -13.57 -5.40 -33.24
N PRO B 362 -13.79 -6.49 -33.99
CA PRO B 362 -14.59 -6.37 -35.23
C PRO B 362 -16.00 -5.86 -35.01
N ASP B 363 -16.59 -6.14 -33.84
CA ASP B 363 -17.97 -5.71 -33.59
C ASP B 363 -18.08 -4.19 -33.55
N GLN B 364 -17.11 -3.52 -32.92
CA GLN B 364 -17.20 -2.06 -32.78
C GLN B 364 -17.00 -1.36 -34.12
N LEU B 365 -16.02 -1.81 -34.91
CA LEU B 365 -15.68 -1.21 -36.20
C LEU B 365 -15.34 0.28 -36.03
N ILE B 366 -14.29 0.54 -35.24
CA ILE B 366 -13.83 1.91 -35.00
C ILE B 366 -13.21 2.54 -36.24
N LEU B 367 -12.87 1.75 -37.26
CA LEU B 367 -12.32 2.26 -38.50
C LEU B 367 -13.18 1.78 -39.66
N LYS B 368 -13.40 2.66 -40.63
CA LYS B 368 -14.34 2.37 -41.72
C LYS B 368 -13.76 2.88 -43.05
N GLU B 369 -13.24 1.95 -43.84
CA GLU B 369 -12.82 2.21 -45.22
C GLU B 369 -11.86 3.39 -45.31
N VAL B 370 -10.79 3.32 -44.52
CA VAL B 370 -9.77 4.35 -44.54
C VAL B 370 -8.82 4.11 -45.71
N SER B 371 -8.65 5.12 -46.55
CA SER B 371 -7.79 5.03 -47.73
C SER B 371 -7.02 6.32 -47.90
N ALA B 372 -5.77 6.21 -48.34
CA ALA B 372 -4.92 7.37 -48.57
C ALA B 372 -3.80 7.00 -49.52
N VAL B 373 -3.20 8.03 -50.12
CA VAL B 373 -2.08 7.87 -51.04
C VAL B 373 -0.89 8.64 -50.47
N ILE B 374 0.23 7.94 -50.26
CA ILE B 374 1.46 8.53 -49.74
C ILE B 374 2.60 8.15 -50.67
N GLU B 375 3.37 9.14 -51.10
CA GLU B 375 4.49 8.90 -52.01
C GLU B 375 5.68 8.34 -51.24
N ALA B 376 6.77 8.09 -51.97
CA ALA B 376 8.00 7.58 -51.39
C ALA B 376 9.03 8.70 -51.28
N GLY B 377 9.63 8.83 -50.10
CA GLY B 377 10.58 9.89 -49.87
C GLY B 377 9.97 11.23 -49.58
N LYS B 378 8.65 11.30 -49.40
CA LYS B 378 7.93 12.54 -49.15
C LYS B 378 7.43 12.54 -47.71
N VAL B 379 7.69 13.62 -46.99
CA VAL B 379 7.24 13.74 -45.61
C VAL B 379 5.73 13.91 -45.59
N THR B 380 5.05 13.12 -44.77
CA THR B 380 3.60 13.14 -44.66
C THR B 380 3.21 13.48 -43.24
N ALA B 381 2.27 14.40 -43.09
CA ALA B 381 1.78 14.84 -41.79
C ALA B 381 0.36 14.34 -41.57
N ILE B 382 0.08 13.94 -40.32
CA ILE B 382 -1.22 13.41 -39.93
C ILE B 382 -1.78 14.31 -38.83
N VAL B 383 -3.02 14.76 -39.00
CA VAL B 383 -3.69 15.62 -38.04
C VAL B 383 -4.92 14.88 -37.52
N GLY B 384 -5.04 14.79 -36.19
CA GLY B 384 -6.15 14.10 -35.58
C GLY B 384 -6.73 14.86 -34.40
N PRO B 385 -7.95 14.52 -34.02
CA PRO B 385 -8.60 15.22 -32.89
C PRO B 385 -8.28 14.57 -31.55
N SER B 386 -8.72 15.19 -30.47
CA SER B 386 -8.48 14.69 -29.11
C SER B 386 -9.53 13.64 -28.79
N GLY B 387 -9.23 12.40 -29.17
CA GLY B 387 -10.12 11.30 -28.89
C GLY B 387 -10.72 10.68 -30.15
N GLY B 388 -10.17 11.02 -31.31
CA GLY B 388 -10.67 10.49 -32.56
C GLY B 388 -10.07 9.15 -32.91
N GLY B 389 -9.56 9.02 -34.14
CA GLY B 389 -8.95 7.78 -34.58
C GLY B 389 -7.52 7.95 -35.03
N LYS B 390 -6.90 9.07 -34.63
CA LYS B 390 -5.52 9.32 -35.01
C LYS B 390 -4.57 8.29 -34.41
N THR B 391 -4.80 7.92 -33.14
CA THR B 391 -3.95 6.93 -32.49
C THR B 391 -4.12 5.56 -33.12
N THR B 392 -5.35 5.22 -33.50
CA THR B 392 -5.60 3.92 -34.12
C THR B 392 -4.85 3.78 -35.43
N LEU B 393 -4.93 4.80 -36.30
CA LEU B 393 -4.20 4.77 -37.56
C LEU B 393 -2.69 4.84 -37.31
N PHE B 394 -2.28 5.58 -36.28
CA PHE B 394 -0.86 5.70 -35.95
C PHE B 394 -0.27 4.34 -35.59
N LYS B 395 -1.01 3.55 -34.81
CA LYS B 395 -0.55 2.21 -34.46
C LYS B 395 -0.72 1.25 -35.63
N LEU B 396 -1.74 1.46 -36.45
CA LEU B 396 -1.97 0.59 -37.61
C LEU B 396 -0.83 0.69 -38.60
N LEU B 397 -0.33 1.90 -38.84
CA LEU B 397 0.76 2.09 -39.80
C LEU B 397 2.01 1.35 -39.34
N GLU B 398 2.23 1.25 -38.03
CA GLU B 398 3.36 0.50 -37.51
C GLU B 398 3.15 -1.01 -37.58
N ARG B 399 2.01 -1.45 -38.13
CA ARG B 399 1.72 -2.87 -38.33
C ARG B 399 1.63 -3.61 -37.00
N PHE B 400 1.44 -2.88 -35.91
CA PHE B 400 1.24 -3.53 -34.61
C PHE B 400 -0.10 -4.27 -34.54
N TYR B 401 -1.10 -3.84 -35.30
CA TYR B 401 -2.42 -4.43 -35.27
C TYR B 401 -2.64 -5.27 -36.53
N SER B 402 -3.20 -6.45 -36.35
CA SER B 402 -3.39 -7.39 -37.46
C SER B 402 -4.50 -6.90 -38.37
N PRO B 403 -4.25 -6.77 -39.68
CA PRO B 403 -5.32 -6.42 -40.61
C PRO B 403 -6.41 -7.49 -40.64
N THR B 404 -7.66 -7.04 -40.73
CA THR B 404 -8.80 -7.94 -40.82
C THR B 404 -9.54 -7.84 -42.13
N ALA B 405 -9.97 -6.64 -42.53
CA ALA B 405 -10.69 -6.43 -43.78
C ALA B 405 -9.90 -5.60 -44.76
N GLY B 406 -9.44 -4.41 -44.36
CA GLY B 406 -8.65 -3.57 -45.23
C GLY B 406 -7.22 -4.04 -45.33
N THR B 407 -6.47 -3.37 -46.20
CA THR B 407 -5.08 -3.75 -46.48
C THR B 407 -4.23 -2.49 -46.55
N ILE B 408 -3.18 -2.44 -45.73
CA ILE B 408 -2.16 -1.40 -45.85
C ILE B 408 -1.13 -1.91 -46.86
N ARG B 409 -1.25 -1.49 -48.11
CA ARG B 409 -0.53 -2.09 -49.22
C ARG B 409 0.81 -1.36 -49.41
N LEU B 410 1.90 -2.09 -49.20
CA LEU B 410 3.25 -1.65 -49.53
C LEU B 410 3.99 -2.85 -50.13
N GLY B 411 4.19 -2.82 -51.44
CA GLY B 411 4.74 -3.96 -52.13
C GLY B 411 3.79 -4.54 -53.16
N ASP B 412 3.01 -3.67 -53.80
CA ASP B 412 2.03 -4.00 -54.84
C ASP B 412 0.86 -4.81 -54.29
N GLU B 413 0.51 -4.59 -53.01
CA GLU B 413 -0.59 -5.13 -52.19
C GLU B 413 -0.04 -6.07 -51.10
N PRO B 414 0.72 -7.14 -51.44
CA PRO B 414 1.23 -7.99 -50.35
C PRO B 414 2.12 -7.24 -49.38
N VAL B 415 1.66 -7.09 -48.14
CA VAL B 415 2.45 -6.49 -47.07
C VAL B 415 2.91 -7.53 -46.07
N ASP B 416 2.46 -8.79 -46.22
CA ASP B 416 2.93 -9.88 -45.40
C ASP B 416 3.80 -10.87 -46.15
N THR B 417 4.11 -10.62 -47.42
CA THR B 417 5.00 -11.50 -48.17
C THR B 417 6.41 -11.49 -47.57
N TYR B 418 6.73 -10.44 -46.84
CA TYR B 418 8.01 -10.33 -46.13
C TYR B 418 7.75 -10.31 -44.63
N SER B 419 8.79 -10.67 -43.88
CA SER B 419 8.65 -10.80 -42.44
C SER B 419 8.34 -9.45 -41.79
N LEU B 420 7.52 -9.50 -40.74
CA LEU B 420 7.20 -8.29 -40.01
C LEU B 420 8.44 -7.72 -39.32
N GLU B 421 9.38 -8.58 -38.93
CA GLU B 421 10.63 -8.10 -38.37
C GLU B 421 11.45 -7.33 -39.40
N SER B 422 11.47 -7.82 -40.65
CA SER B 422 12.18 -7.11 -41.70
C SER B 422 11.56 -5.74 -41.95
N TRP B 423 10.23 -5.66 -41.93
CA TRP B 423 9.58 -4.36 -42.04
C TRP B 423 9.95 -3.47 -40.87
N ARG B 424 9.98 -4.03 -39.66
CA ARG B 424 10.34 -3.25 -38.48
C ARG B 424 11.82 -2.87 -38.49
N GLU B 425 12.67 -3.67 -39.12
CA GLU B 425 14.10 -3.41 -39.11
C GLU B 425 14.44 -2.12 -39.86
N HIS B 426 13.69 -1.80 -40.91
CA HIS B 426 13.91 -0.59 -41.68
C HIS B 426 13.21 0.63 -41.08
N ILE B 427 12.78 0.54 -39.82
CA ILE B 427 11.95 1.55 -39.19
C ILE B 427 12.69 2.17 -38.01
N GLY B 428 12.68 3.50 -37.96
CA GLY B 428 13.08 4.23 -36.76
C GLY B 428 11.84 4.83 -36.12
N TYR B 429 11.81 4.84 -34.78
CA TYR B 429 10.59 5.21 -34.07
C TYR B 429 10.92 5.93 -32.77
N VAL B 430 10.46 7.17 -32.65
CA VAL B 430 10.36 7.86 -31.36
C VAL B 430 9.19 8.84 -31.46
N SER B 431 8.22 8.72 -30.55
CA SER B 431 6.94 9.40 -30.71
C SER B 431 6.73 10.49 -29.66
N GLN B 432 6.70 10.15 -28.37
CA GLN B 432 6.44 11.16 -27.36
C GLN B 432 7.56 11.27 -26.33
N GLU B 433 7.89 10.15 -25.69
CA GLU B 433 8.92 10.14 -24.66
C GLU B 433 10.11 9.26 -25.03
N SER B 434 9.87 7.98 -25.31
CA SER B 434 10.91 6.97 -25.49
C SER B 434 11.95 7.12 -24.36
N PRO B 435 11.54 6.93 -23.09
CA PRO B 435 12.32 7.46 -21.97
C PRO B 435 13.76 6.98 -21.92
N LEU B 436 13.96 5.67 -21.76
CA LEU B 436 15.29 5.11 -21.59
C LEU B 436 15.21 3.59 -21.55
N MET B 437 16.27 2.95 -22.02
CA MET B 437 16.54 1.55 -21.74
C MET B 437 17.62 1.54 -20.67
N SER B 438 17.28 1.07 -19.48
CA SER B 438 18.12 1.26 -18.30
C SER B 438 19.50 0.65 -18.51
N GLY B 439 20.50 1.31 -17.95
CA GLY B 439 21.88 0.89 -18.11
C GLY B 439 22.79 2.03 -18.51
N THR B 440 23.39 1.93 -19.70
CA THR B 440 24.31 2.92 -20.20
C THR B 440 23.86 3.40 -21.57
N ILE B 441 24.53 4.45 -22.08
CA ILE B 441 24.30 4.89 -23.44
C ILE B 441 24.74 3.83 -24.43
N ARG B 442 25.58 2.89 -24.01
CA ARG B 442 25.98 1.79 -24.88
C ARG B 442 24.77 0.98 -25.34
N GLU B 443 23.85 0.67 -24.42
CA GLU B 443 22.63 -0.02 -24.80
C GLU B 443 21.79 0.82 -25.74
N ASN B 444 21.72 2.13 -25.48
CA ASN B 444 20.91 3.02 -26.32
C ASN B 444 21.41 3.04 -27.75
N ILE B 445 22.73 3.05 -27.95
CA ILE B 445 23.28 3.11 -29.29
C ILE B 445 23.47 1.73 -29.90
N CYS B 446 23.42 0.67 -29.10
CA CYS B 446 23.63 -0.69 -29.58
C CYS B 446 22.34 -1.50 -29.70
N TYR B 447 21.20 -0.92 -29.35
CA TYR B 447 19.93 -1.61 -29.59
C TYR B 447 19.72 -1.91 -31.07
N GLY B 448 20.40 -1.20 -31.96
CA GLY B 448 20.39 -1.47 -33.38
C GLY B 448 21.43 -2.46 -33.85
N LEU B 449 22.03 -3.22 -32.93
CA LEU B 449 23.05 -4.20 -33.30
C LEU B 449 22.39 -5.41 -33.96
N GLU B 450 21.89 -5.23 -35.18
CA GLU B 450 21.20 -6.29 -35.90
C GLU B 450 22.20 -7.13 -36.70
N ARG B 451 23.06 -7.82 -35.96
CA ARG B 451 24.10 -8.73 -36.45
C ARG B 451 25.22 -7.99 -37.19
N ASP B 452 25.14 -6.67 -37.34
CA ASP B 452 26.19 -5.89 -37.98
C ASP B 452 27.18 -5.28 -36.99
N VAL B 453 26.90 -5.40 -35.68
CA VAL B 453 27.75 -4.98 -34.55
C VAL B 453 28.22 -3.53 -34.68
N THR B 454 28.03 -2.91 -35.83
CA THR B 454 28.43 -1.52 -36.10
C THR B 454 29.91 -1.29 -35.85
N ASP B 455 30.69 -2.37 -35.79
CA ASP B 455 32.13 -2.30 -35.51
C ASP B 455 32.42 -1.39 -34.34
N ALA B 456 33.05 -0.24 -34.61
CA ALA B 456 33.31 0.77 -33.60
C ALA B 456 32.91 2.15 -34.09
N GLU B 457 31.88 2.23 -34.93
CA GLU B 457 31.45 3.49 -35.54
C GLU B 457 30.26 4.11 -34.84
N ILE B 458 29.94 3.66 -33.63
CA ILE B 458 28.82 4.23 -32.88
C ILE B 458 29.09 5.68 -32.52
N GLU B 459 30.33 5.98 -32.10
CA GLU B 459 30.65 7.35 -31.70
C GLU B 459 30.70 8.28 -32.91
N LYS B 460 31.21 7.77 -34.04
CA LYS B 460 31.16 8.52 -35.30
C LYS B 460 29.71 8.77 -35.70
N ALA B 461 28.88 7.74 -35.63
CA ALA B 461 27.46 7.87 -35.94
C ALA B 461 26.82 8.91 -35.03
N ALA B 462 27.20 8.94 -33.75
CA ALA B 462 26.78 10.01 -32.87
C ALA B 462 27.31 11.36 -33.36
N GLU B 463 28.49 11.36 -33.98
CA GLU B 463 29.10 12.63 -34.36
C GLU B 463 28.35 13.30 -35.50
N MET B 464 28.06 12.57 -36.59
CA MET B 464 27.27 13.22 -37.64
C MET B 464 25.83 13.45 -37.18
N ALA B 465 25.26 12.53 -36.43
CA ALA B 465 23.90 12.73 -35.92
C ALA B 465 23.81 13.81 -34.85
N TYR B 466 24.88 14.54 -34.57
CA TYR B 466 24.87 15.67 -33.64
C TYR B 466 24.47 15.17 -32.25
N ALA B 467 25.27 14.22 -31.76
CA ALA B 467 25.09 13.65 -30.44
C ALA B 467 26.39 13.65 -29.65
N LEU B 468 27.51 13.41 -30.35
CA LEU B 468 28.80 13.38 -29.67
C LEU B 468 29.19 14.77 -29.16
N ASN B 469 28.92 15.81 -29.95
CA ASN B 469 29.15 17.16 -29.46
C ASN B 469 28.19 17.52 -28.33
N PHE B 470 27.01 16.90 -28.31
CA PHE B 470 26.09 17.08 -27.21
C PHE B 470 26.60 16.42 -25.94
N ILE B 471 27.31 15.29 -26.07
CA ILE B 471 27.92 14.62 -24.93
C ILE B 471 29.37 15.04 -24.72
N LYS B 472 29.80 16.13 -25.36
CA LYS B 472 31.19 16.57 -25.33
C LYS B 472 31.68 16.84 -23.90
N GLU B 473 30.76 17.16 -22.99
CA GLU B 473 31.15 17.30 -21.59
C GLU B 473 31.76 16.03 -21.04
N LEU B 474 31.36 14.88 -21.59
CA LEU B 474 32.01 13.59 -21.39
C LEU B 474 32.20 13.21 -19.92
N PRO B 475 31.13 12.94 -19.18
CA PRO B 475 31.33 12.27 -17.88
C PRO B 475 32.02 10.92 -18.04
N ASN B 476 31.69 10.20 -19.10
CA ASN B 476 32.36 8.99 -19.54
C ASN B 476 31.76 8.60 -20.88
N GLN B 477 32.47 7.74 -21.61
CA GLN B 477 32.00 7.32 -22.92
C GLN B 477 31.19 6.04 -22.84
N PHE B 478 31.82 4.97 -22.34
CA PHE B 478 31.12 3.68 -22.23
C PHE B 478 30.41 3.58 -20.89
N ASP B 479 30.93 4.24 -19.86
CA ASP B 479 30.35 4.11 -18.52
C ASP B 479 29.30 5.16 -18.25
N THR B 480 28.92 5.94 -19.26
CA THR B 480 27.86 6.93 -19.11
C THR B 480 26.59 6.28 -18.58
N GLU B 481 26.21 6.62 -17.36
CA GLU B 481 25.11 5.94 -16.68
C GLU B 481 23.92 6.87 -16.50
N VAL B 482 22.73 6.31 -16.62
CA VAL B 482 21.49 7.07 -16.46
C VAL B 482 20.71 6.67 -15.21
N GLY B 483 21.07 5.59 -14.54
CA GLY B 483 20.32 5.15 -13.39
C GLY B 483 19.08 4.36 -13.77
N GLU B 484 18.66 3.48 -12.87
CA GLU B 484 17.46 2.68 -13.12
C GLU B 484 16.23 3.58 -13.21
N ARG B 485 16.13 4.58 -12.33
CA ARG B 485 15.01 5.51 -12.40
C ARG B 485 15.03 6.33 -13.67
N GLY B 486 16.22 6.80 -14.08
CA GLY B 486 16.34 7.61 -15.28
C GLY B 486 15.72 8.98 -15.13
N ILE B 487 16.23 9.78 -14.18
CA ILE B 487 15.69 11.10 -13.91
C ILE B 487 16.73 12.21 -14.06
N MET B 488 18.02 11.86 -14.23
CA MET B 488 19.06 12.88 -14.28
C MET B 488 19.23 13.48 -15.67
N LEU B 489 18.46 13.05 -16.65
CA LEU B 489 18.50 13.63 -17.99
C LEU B 489 17.10 14.11 -18.37
N SER B 490 17.06 15.15 -19.20
CA SER B 490 15.80 15.78 -19.59
C SER B 490 15.23 15.11 -20.83
N GLY B 491 14.02 15.53 -21.21
CA GLY B 491 13.37 14.94 -22.38
C GLY B 491 14.09 15.26 -23.67
N GLY B 492 14.65 16.47 -23.79
CA GLY B 492 15.32 16.85 -25.02
C GLY B 492 16.53 15.97 -25.32
N GLN B 493 17.34 15.70 -24.29
CA GLN B 493 18.54 14.90 -24.51
C GLN B 493 18.19 13.46 -24.86
N ARG B 494 17.21 12.87 -24.17
CA ARG B 494 16.83 11.50 -24.47
C ARG B 494 16.18 11.40 -25.85
N GLN B 495 15.41 12.42 -26.25
CA GLN B 495 14.86 12.43 -27.61
C GLN B 495 15.97 12.56 -28.64
N ARG B 496 16.99 13.35 -28.35
CA ARG B 496 18.14 13.46 -29.25
C ARG B 496 18.85 12.11 -29.39
N ILE B 497 19.02 11.40 -28.27
CA ILE B 497 19.64 10.09 -28.32
C ILE B 497 18.78 9.11 -29.12
N ALA B 498 17.46 9.21 -28.97
CA ALA B 498 16.56 8.37 -29.74
C ALA B 498 16.67 8.65 -31.22
N ILE B 499 16.77 9.93 -31.60
CA ILE B 499 16.95 10.30 -33.00
C ILE B 499 18.26 9.74 -33.53
N ALA B 500 19.33 9.85 -32.73
CA ALA B 500 20.63 9.33 -33.15
C ALA B 500 20.57 7.82 -33.35
N ARG B 501 19.88 7.11 -32.45
CA ARG B 501 19.71 5.67 -32.61
C ARG B 501 18.93 5.35 -33.87
N ALA B 502 17.85 6.10 -34.14
CA ALA B 502 17.04 5.85 -35.32
C ALA B 502 17.85 6.03 -36.59
N LEU B 503 18.67 7.08 -36.64
CA LEU B 503 19.54 7.30 -37.79
C LEU B 503 20.65 6.26 -37.89
N LEU B 504 20.96 5.57 -36.78
CA LEU B 504 22.03 4.58 -36.78
C LEU B 504 21.56 3.23 -37.28
N ARG B 505 20.30 2.87 -37.01
CA ARG B 505 19.84 1.51 -37.30
C ARG B 505 19.71 1.26 -38.79
N ASN B 506 18.77 1.95 -39.43
CA ASN B 506 18.50 1.81 -40.85
C ASN B 506 17.68 2.98 -41.34
N PRO B 507 18.30 4.14 -41.63
CA PRO B 507 17.52 5.31 -42.01
C PRO B 507 16.88 5.17 -43.39
N SER B 508 15.80 4.38 -43.46
CA SER B 508 15.09 4.14 -44.71
C SER B 508 13.66 4.67 -44.71
N ILE B 509 12.83 4.23 -43.75
CA ILE B 509 11.46 4.73 -43.60
C ILE B 509 11.27 5.10 -42.13
N LEU B 510 10.68 6.27 -41.90
CA LEU B 510 10.63 6.90 -40.58
C LEU B 510 9.22 7.43 -40.30
N MET B 511 8.70 7.17 -39.10
CA MET B 511 7.49 7.83 -38.61
C MET B 511 7.74 8.38 -37.21
N LEU B 512 7.25 9.58 -36.95
CA LEU B 512 7.37 10.21 -35.64
C LEU B 512 6.02 10.76 -35.19
N ASP B 513 5.89 10.96 -33.88
CA ASP B 513 4.87 11.84 -33.33
C ASP B 513 5.47 13.18 -32.90
N ALA B 514 6.70 13.45 -33.32
CA ALA B 514 7.39 14.73 -33.07
C ALA B 514 7.43 15.05 -31.56
N ALA B 515 8.22 14.24 -30.86
CA ALA B 515 8.34 14.35 -29.41
C ALA B 515 8.90 15.72 -29.01
N THR B 516 8.04 16.58 -28.46
CA THR B 516 8.42 17.93 -28.06
C THR B 516 7.85 18.16 -26.65
N SER B 517 8.70 18.05 -25.63
CA SER B 517 8.29 18.24 -24.25
C SER B 517 8.95 19.46 -23.61
N SER B 518 10.28 19.50 -23.58
CA SER B 518 10.98 20.61 -22.93
C SER B 518 12.20 21.08 -23.73
N LEU B 519 12.25 20.80 -25.03
CA LEU B 519 13.39 21.20 -25.83
C LEU B 519 13.53 22.72 -25.92
N ASP B 520 12.40 23.43 -26.06
CA ASP B 520 12.36 24.87 -26.28
C ASP B 520 12.93 25.22 -27.66
N SER B 521 12.59 26.42 -28.15
CA SER B 521 12.82 26.84 -29.53
C SER B 521 14.18 26.44 -30.09
N GLN B 522 15.26 26.75 -29.37
CA GLN B 522 16.60 26.49 -29.86
C GLN B 522 16.83 25.00 -30.12
N SER B 523 16.56 24.17 -29.12
CA SER B 523 16.76 22.73 -29.28
C SER B 523 15.78 22.14 -30.28
N GLU B 524 14.55 22.65 -30.30
CA GLU B 524 13.58 22.19 -31.28
C GLU B 524 14.09 22.40 -32.70
N LYS B 525 14.52 23.62 -33.01
CA LYS B 525 15.03 23.91 -34.35
C LYS B 525 16.29 23.11 -34.64
N SER B 526 17.18 22.96 -33.65
CA SER B 526 18.41 22.20 -33.87
C SER B 526 18.11 20.76 -34.23
N VAL B 527 17.27 20.10 -33.45
CA VAL B 527 16.96 18.69 -33.71
C VAL B 527 16.20 18.54 -35.02
N GLN B 528 15.29 19.47 -35.31
CA GLN B 528 14.53 19.39 -36.56
C GLN B 528 15.45 19.53 -37.77
N GLN B 529 16.37 20.50 -37.74
CA GLN B 529 17.25 20.71 -38.88
C GLN B 529 18.22 19.55 -39.04
N ALA B 530 18.78 19.03 -37.94
CA ALA B 530 19.69 17.90 -38.04
C ALA B 530 18.96 16.67 -38.58
N LEU B 531 17.76 16.41 -38.06
CA LEU B 531 16.97 15.27 -38.52
C LEU B 531 16.65 15.39 -40.00
N GLU B 532 16.19 16.58 -40.42
CA GLU B 532 15.82 16.78 -41.82
C GLU B 532 17.02 16.62 -42.74
N VAL B 533 18.18 17.15 -42.33
CA VAL B 533 19.39 16.97 -43.13
C VAL B 533 19.76 15.50 -43.21
N LEU B 534 19.50 14.75 -42.14
CA LEU B 534 19.99 13.37 -42.06
C LEU B 534 19.30 12.47 -43.08
N MET B 535 17.96 12.53 -43.19
CA MET B 535 17.30 11.71 -44.20
C MET B 535 17.69 12.15 -45.62
N GLU B 536 17.53 13.43 -45.93
CA GLU B 536 17.84 13.99 -47.25
C GLU B 536 17.37 13.10 -48.39
N GLY B 537 16.08 12.74 -48.40
CA GLY B 537 15.52 11.93 -49.46
C GLY B 537 14.91 10.61 -49.03
N ARG B 538 14.72 10.38 -47.73
CA ARG B 538 14.08 9.16 -47.25
C ARG B 538 12.70 9.48 -46.70
N THR B 539 11.83 8.48 -46.71
CA THR B 539 10.43 8.66 -46.35
C THR B 539 10.30 9.09 -44.90
N THR B 540 9.39 10.02 -44.64
CA THR B 540 9.17 10.53 -43.30
C THR B 540 7.67 10.62 -43.04
N ILE B 541 7.27 10.27 -41.82
CA ILE B 541 5.86 10.30 -41.42
C ILE B 541 5.75 11.06 -40.10
N VAL B 542 4.83 12.00 -40.04
CA VAL B 542 4.59 12.82 -38.85
C VAL B 542 3.12 12.78 -38.50
N ILE B 543 2.82 12.57 -37.21
CA ILE B 543 1.44 12.51 -36.73
C ILE B 543 1.20 13.47 -35.58
N ALA B 544 2.10 14.41 -35.33
CA ALA B 544 1.96 15.36 -34.23
C ALA B 544 0.88 16.38 -34.55
N HIS B 545 0.70 17.34 -33.64
CA HIS B 545 -0.30 18.40 -33.76
C HIS B 545 0.31 19.77 -34.01
N ARG B 546 1.60 19.96 -33.68
CA ARG B 546 2.23 21.26 -33.83
C ARG B 546 2.28 21.68 -35.30
N LEU B 547 2.05 22.98 -35.54
CA LEU B 547 2.00 23.48 -36.91
C LEU B 547 3.36 23.46 -37.58
N SER B 548 4.46 23.59 -36.84
CA SER B 548 5.77 23.47 -37.46
C SER B 548 5.96 22.08 -38.06
N THR B 549 5.54 21.05 -37.32
CA THR B 549 5.66 19.68 -37.81
C THR B 549 4.81 19.47 -39.05
N VAL B 550 3.68 20.18 -39.16
CA VAL B 550 2.76 19.93 -40.27
C VAL B 550 3.18 20.73 -41.50
N VAL B 551 3.88 21.84 -41.30
CA VAL B 551 4.47 22.53 -42.45
C VAL B 551 5.73 21.81 -42.89
N ASP B 552 6.36 21.06 -42.00
CA ASP B 552 7.51 20.25 -42.37
C ASP B 552 7.04 18.92 -43.00
N ALA B 553 6.25 19.02 -44.07
CA ALA B 553 5.74 17.84 -44.75
C ALA B 553 5.21 18.24 -46.12
N ASP B 554 5.61 17.50 -47.15
CA ASP B 554 5.14 17.80 -48.50
C ASP B 554 3.65 17.54 -48.66
N GLN B 555 3.15 16.44 -48.08
CA GLN B 555 1.76 16.05 -48.19
C GLN B 555 1.13 15.97 -46.81
N LEU B 556 -0.13 16.39 -46.71
CA LEU B 556 -0.85 16.44 -45.45
C LEU B 556 -2.06 15.51 -45.48
N LEU B 557 -2.43 15.03 -44.29
CA LEU B 557 -3.62 14.21 -44.10
C LEU B 557 -4.37 14.73 -42.87
N PHE B 558 -5.58 14.20 -42.66
CA PHE B 558 -6.39 14.59 -41.52
C PHE B 558 -7.29 13.42 -41.14
N VAL B 559 -7.41 13.19 -39.84
CA VAL B 559 -8.21 12.08 -39.30
C VAL B 559 -9.40 12.67 -38.55
N GLU B 560 -10.58 12.13 -38.82
CA GLU B 560 -11.81 12.56 -38.14
C GLU B 560 -12.80 11.43 -38.14
N LYS B 561 -13.31 11.08 -36.95
CA LYS B 561 -14.32 10.03 -36.80
C LYS B 561 -13.86 8.72 -37.43
N GLY B 562 -12.57 8.42 -37.29
CA GLY B 562 -12.02 7.21 -37.88
C GLY B 562 -12.05 7.21 -39.38
N GLU B 563 -11.86 8.37 -40.01
CA GLU B 563 -11.86 8.47 -41.46
C GLU B 563 -10.84 9.52 -41.88
N ILE B 564 -10.13 9.24 -42.97
CA ILE B 564 -9.17 10.19 -43.52
C ILE B 564 -9.92 11.16 -44.42
N THR B 565 -9.84 12.45 -44.10
CA THR B 565 -10.53 13.51 -44.83
C THR B 565 -9.51 14.62 -45.14
N GLY B 566 -8.91 14.55 -46.32
CA GLY B 566 -7.99 15.59 -46.75
C GLY B 566 -6.69 15.08 -47.34
N ARG B 567 -6.39 15.53 -48.56
CA ARG B 567 -5.15 15.17 -49.25
C ARG B 567 -4.70 16.35 -50.09
N GLY B 568 -3.39 16.58 -50.12
CA GLY B 568 -2.83 17.65 -50.91
C GLY B 568 -1.69 18.33 -50.18
N THR B 569 -1.40 19.56 -50.59
CA THR B 569 -0.28 20.31 -50.05
C THR B 569 -0.69 20.96 -48.72
N HIS B 570 0.31 21.40 -47.95
CA HIS B 570 0.08 21.86 -46.59
C HIS B 570 -0.86 23.06 -46.54
N HIS B 571 -0.54 24.11 -47.30
CA HIS B 571 -1.27 25.37 -47.16
C HIS B 571 -2.73 25.22 -47.58
N GLU B 572 -2.97 24.54 -48.71
CA GLU B 572 -4.32 24.36 -49.20
C GLU B 572 -5.17 23.60 -48.19
N LEU B 573 -4.63 22.52 -47.63
CA LEU B 573 -5.38 21.71 -46.68
C LEU B 573 -5.63 22.48 -45.38
N MET B 574 -4.60 23.16 -44.88
CA MET B 574 -4.73 23.88 -43.62
C MET B 574 -5.75 25.01 -43.74
N ALA B 575 -5.75 25.71 -44.88
CA ALA B 575 -6.74 26.75 -45.11
C ALA B 575 -8.13 26.15 -45.27
N SER B 576 -8.24 25.06 -46.03
CA SER B 576 -9.55 24.47 -46.29
C SER B 576 -10.09 23.74 -45.07
N HIS B 577 -9.25 22.97 -44.37
CA HIS B 577 -9.71 22.24 -43.19
C HIS B 577 -10.16 23.21 -42.10
N GLY B 578 -9.36 24.25 -41.84
CA GLY B 578 -9.77 25.27 -40.90
C GLY B 578 -11.07 25.94 -41.33
N LEU B 579 -11.23 26.13 -42.64
CA LEU B 579 -12.51 26.60 -43.16
C LEU B 579 -13.62 25.60 -42.89
N TYR B 580 -13.31 24.30 -42.98
CA TYR B 580 -14.36 23.29 -42.92
C TYR B 580 -14.79 23.01 -41.48
N ARG B 581 -13.93 22.34 -40.70
CA ARG B 581 -14.26 22.14 -39.28
C ARG B 581 -13.01 22.17 -38.42
N ASP B 582 -11.83 22.24 -39.03
CA ASP B 582 -10.59 22.12 -38.25
C ASP B 582 -10.34 23.35 -37.40
N PHE B 583 -11.11 24.42 -37.63
CA PHE B 583 -10.90 25.64 -36.86
C PHE B 583 -11.24 25.44 -35.39
N ALA B 584 -12.13 24.49 -35.07
CA ALA B 584 -12.43 24.19 -33.67
C ALA B 584 -11.22 23.56 -32.98
N GLU B 585 -10.60 22.57 -33.64
CA GLU B 585 -9.39 21.98 -33.10
C GLU B 585 -8.28 23.01 -33.00
N GLN B 586 -8.18 23.90 -33.99
CA GLN B 586 -7.19 24.97 -33.91
C GLN B 586 -7.44 25.88 -32.71
N GLN B 587 -8.68 26.32 -32.51
CA GLN B 587 -9.04 27.14 -31.36
C GLN B 587 -8.63 26.45 -30.07
N LEU B 588 -8.79 25.12 -30.03
CA LEU B 588 -8.22 24.37 -28.92
C LEU B 588 -6.70 24.54 -28.85
N LYS B 589 -6.04 24.58 -30.01
CA LYS B 589 -4.58 24.70 -30.00
C LYS B 589 -4.11 26.04 -29.43
N MET B 590 -4.74 27.15 -29.83
CA MET B 590 -4.23 28.43 -29.31
C MET B 590 -4.48 28.57 -27.80
N ASN B 591 -5.61 28.06 -27.32
CA ASN B 591 -6.06 28.14 -25.90
C ASN B 591 -5.05 28.67 -24.89
#